data_6TKO
#
_entry.id   6TKO
#
_cell.length_a   1.00
_cell.length_b   1.00
_cell.length_c   1.00
_cell.angle_alpha   90.00
_cell.angle_beta   90.00
_cell.angle_gamma   90.00
#
_symmetry.space_group_name_H-M   'P 1'
#
loop_
_entity.id
_entity.type
_entity.pdbx_description
1 polymer 'Beta-1 adrenergic receptor'
2 polymer Beta-arrestin-1
3 polymer 'Fab30 heavy chain'
4 polymer 'Fab30 light chain'
5 non-polymer ~{N}-[5-[(1~{R})-2-[[(2~{R})-1-(4-methoxyphenyl)propan-2-yl]amino]-1-oxidanyl-ethyl]-2-oxidanyl-phenyl]methanamide
#
loop_
_entity_poly.entity_id
_entity_poly.type
_entity_poly.pdbx_seq_one_letter_code
_entity_poly.pdbx_strand_id
1 'polypeptide(L)'
;GAELLSQQWEAGCSLLMALVVLLIVAGNVLVIAAIGRTQRLQTLTNLFITSLACADLVVGLLVVPFGATLVCRGTWLWGS
FLCELWTSLDVLCVTASIWTLCVIAIDRYLAITSPFRYQSLMTRARAKVIICTVWAISALVSFLPIMMHWWRDEDPQALK
CYQDPGCCDFVTNRAYAIASSIISFYIPLLIMIFVYLRVYREAKEQIRKIDRASKRKTSRVMAMREHKALKTLGIIMGVF
TLCWLPFFLVNIVNVFNRDLVPKWLFVAFNWLGYANSAMNPIIYCRSPDFRKAFKRLLAARGRPLPETGGGDE(SEP)A
(TPO)(TPO)A(SEP)(SEP)(SEP)LAKDTSS
;
A
2 'polypeptide(L)'
;GGDKGTRVFKKASPNGKLTVYLGKRDFVDHIDLVDPVDGVVLVDPEYLKERRVYVTLTCAFRYGREDCDVLGLTFRKDLF
VANVQSFPPAPEDKKPLTRLQERLIKKLGEHAYPFTFEIPPNLPCSVTLQPGPEDTGKACGVDYEVKAFCAENLEEKIHK
RNSVRLVIEKVQYAPERPGPQPTAETTRQFLMSDKPLHLEASLDKEIYYHGEPISVNVHVTNNTNKTVKKIKISVRQYAD
ICLFNTAQYKCPVAMEEADDTVAPSSTFCKVYTLTPFLANNREKRGLALDGKLKHEDTNLASSTLLREGANREILGIIVS
YKVKVKLVVSRGGLLGDLASSDVAVELPFTLMHPKPKEEPPHREVPENETPVDTNLIELDTNDDDIVFEDFARQRLKGMK
DDKEEEEDGTGSPQLNNR
;
B
3 'polypeptide(L)'
;EISEVQLVESGGGLVQPGGSLRLSCAASGFNVYSSSIHWVRQAPGKGLEWVASISSYYGYTYYADSVKGRFTISADTSKN
TAYLQMNSLRAEDTAVYYCARSRQFWYSGLDYWGQGTLVTVSSASTKGPSVFPLAPSSKSTSGGTAALGCLVKDYFPEPV
TVSWNSGALTSGVHTFPAVLQSSGLYSLSSVVTVPSSSLGTQTYICNVNHKPSNTKVDKKVEPKSCDKTHHHHHHHH
;
H
4 'polypeptide(L)'
;SDIQMTQSPSSLSASVGDRVTITCRASQSVSSAVAWYQQKPGKAPKLLIYSASSLYSGVPSRFSGSRSGTDFTLTISSLQ
PEDFATYYCQQYKYVPVTFGQGTKVEIKRTVAAPSVFIFPPSDSQLKSGTASVVCLLNNFYPREAKVQWKVDNALQSGNS
QESVTEQDSKDSTYSLSSTLTLSKADYEKHKVYACEVTHQGLSSPVTKSFNRGEC
;
L
#
loop_
_chem_comp.id
_chem_comp.type
_chem_comp.name
_chem_comp.formula
H98 non-polymer ~{N}-[5-[(1~{R})-2-[[(2~{R})-1-(4-methoxyphenyl)propan-2-yl]amino]-1-oxidanyl-ethyl]-2-oxidanyl-phenyl]methanamide 'C19 H24 N2 O4'
#
# COMPACT_ATOMS: atom_id res chain seq x y z
N ALA A 11 2.98 -14.04 66.67
CA ALA A 11 2.54 -14.04 65.29
C ALA A 11 3.36 -13.04 64.46
N GLY A 12 3.54 -13.35 63.18
CA GLY A 12 4.29 -12.48 62.29
C GLY A 12 3.48 -12.01 61.11
N CYS A 13 3.59 -10.71 60.80
CA CYS A 13 2.86 -10.11 59.68
C CYS A 13 3.74 -9.87 58.46
N SER A 14 5.05 -10.09 58.57
CA SER A 14 5.94 -9.83 57.43
C SER A 14 5.70 -10.83 56.31
N LEU A 15 5.60 -12.13 56.65
CA LEU A 15 5.42 -13.15 55.63
C LEU A 15 4.02 -13.09 55.03
N LEU A 16 2.99 -12.98 55.86
CA LEU A 16 1.63 -12.91 55.35
C LEU A 16 1.45 -11.71 54.42
N MET A 17 2.06 -10.57 54.78
CA MET A 17 1.95 -9.39 53.95
C MET A 17 2.87 -9.47 52.74
N ALA A 18 4.06 -10.05 52.90
CA ALA A 18 4.99 -10.16 51.78
C ALA A 18 4.44 -11.05 50.68
N LEU A 19 3.68 -12.09 51.03
CA LEU A 19 3.13 -12.99 50.03
C LEU A 19 2.28 -12.22 49.02
N VAL A 20 1.28 -11.48 49.50
CA VAL A 20 0.43 -10.72 48.60
C VAL A 20 1.23 -9.62 47.90
N VAL A 21 2.18 -9.02 48.60
CA VAL A 21 2.98 -7.96 48.01
C VAL A 21 3.73 -8.49 46.79
N LEU A 22 4.43 -9.61 46.96
CA LEU A 22 5.17 -10.19 45.84
C LEU A 22 4.23 -10.61 44.72
N LEU A 23 3.01 -11.03 45.07
CA LEU A 23 2.06 -11.47 44.05
C LEU A 23 1.64 -10.31 43.15
N ILE A 24 1.22 -9.20 43.75
CA ILE A 24 0.75 -8.05 42.95
C ILE A 24 1.89 -7.50 42.11
N VAL A 25 3.04 -7.24 42.73
CA VAL A 25 4.16 -6.64 42.01
C VAL A 25 4.64 -7.57 40.90
N ALA A 26 4.65 -8.88 41.17
CA ALA A 26 5.12 -9.83 40.17
C ALA A 26 4.15 -9.93 39.00
N GLY A 27 2.87 -10.11 39.30
CA GLY A 27 1.89 -10.24 38.23
C GLY A 27 1.80 -9.00 37.37
N ASN A 28 1.77 -7.83 38.01
CA ASN A 28 1.64 -6.58 37.25
C ASN A 28 2.88 -6.31 36.41
N VAL A 29 4.07 -6.48 36.98
CA VAL A 29 5.29 -6.26 36.22
C VAL A 29 5.35 -7.22 35.03
N LEU A 30 4.87 -8.45 35.21
CA LEU A 30 4.85 -9.40 34.11
C LEU A 30 3.88 -8.98 33.03
N VAL A 31 2.68 -8.54 33.42
CA VAL A 31 1.68 -8.12 32.44
C VAL A 31 2.16 -6.87 31.70
N ILE A 32 2.69 -5.89 32.44
CA ILE A 32 3.17 -4.67 31.81
C ILE A 32 4.31 -4.98 30.85
N ALA A 33 5.22 -5.86 31.25
CA ALA A 33 6.33 -6.22 30.37
C ALA A 33 5.85 -6.95 29.13
N ALA A 34 4.85 -7.83 29.29
CA ALA A 34 4.34 -8.57 28.14
C ALA A 34 3.60 -7.67 27.16
N ILE A 35 2.90 -6.64 27.67
CA ILE A 35 2.16 -5.75 26.78
C ILE A 35 3.11 -4.76 26.11
N GLY A 36 4.21 -4.41 26.75
CA GLY A 36 5.14 -3.44 26.19
C GLY A 36 6.11 -4.06 25.21
N ARG A 37 6.83 -5.10 25.65
CA ARG A 37 7.82 -5.74 24.79
C ARG A 37 7.17 -6.35 23.55
N THR A 38 6.06 -7.05 23.73
CA THR A 38 5.38 -7.73 22.62
C THR A 38 4.50 -6.73 21.88
N GLN A 39 4.77 -6.55 20.59
CA GLN A 39 3.95 -5.64 19.78
C GLN A 39 2.60 -6.23 19.43
N ARG A 40 2.51 -7.56 19.38
CA ARG A 40 1.23 -8.20 19.07
C ARG A 40 0.21 -7.98 20.18
N LEU A 41 0.67 -7.92 21.43
CA LEU A 41 -0.24 -7.72 22.56
C LEU A 41 -0.70 -6.27 22.69
N GLN A 42 -0.06 -5.33 22.00
CA GLN A 42 -0.44 -3.92 22.07
C GLN A 42 -1.69 -3.69 21.22
N THR A 43 -2.79 -4.29 21.68
CA THR A 43 -4.08 -4.17 21.03
C THR A 43 -4.91 -3.07 21.69
N LEU A 44 -6.13 -2.90 21.21
CA LEU A 44 -7.01 -1.88 21.78
C LEU A 44 -7.59 -2.33 23.11
N THR A 45 -8.03 -3.58 23.20
CA THR A 45 -8.59 -4.08 24.44
C THR A 45 -7.51 -4.30 25.50
N ASN A 46 -6.25 -4.43 25.08
CA ASN A 46 -5.17 -4.67 26.05
C ASN A 46 -4.80 -3.40 26.80
N LEU A 47 -4.87 -2.24 26.14
CA LEU A 47 -4.53 -1.00 26.83
C LEU A 47 -5.49 -0.71 27.96
N PHE A 48 -6.73 -1.23 27.88
CA PHE A 48 -7.65 -1.11 29.00
C PHE A 48 -7.15 -1.90 30.21
N ILE A 49 -6.58 -3.09 29.96
CA ILE A 49 -5.98 -3.88 31.03
C ILE A 49 -4.65 -3.31 31.49
N THR A 50 -3.96 -2.56 30.63
CA THR A 50 -2.73 -1.90 31.03
C THR A 50 -2.97 -0.82 32.07
N SER A 51 -4.11 -0.13 32.01
CA SER A 51 -4.46 0.82 33.06
C SER A 51 -4.91 0.10 34.32
N LEU A 52 -5.59 -1.05 34.16
CA LEU A 52 -5.92 -1.87 35.33
C LEU A 52 -4.65 -2.42 35.99
N ALA A 53 -3.72 -2.93 35.19
CA ALA A 53 -2.45 -3.39 35.74
C ALA A 53 -1.62 -2.24 36.29
N CYS A 54 -1.68 -1.07 35.64
CA CYS A 54 -0.98 0.10 36.16
C CYS A 54 -1.60 0.56 37.47
N ALA A 55 -2.93 0.52 37.57
CA ALA A 55 -3.59 0.88 38.83
C ALA A 55 -3.31 -0.15 39.90
N ASP A 56 -3.27 -1.43 39.53
CA ASP A 56 -2.97 -2.49 40.49
C ASP A 56 -1.51 -2.49 40.92
N LEU A 57 -0.60 -2.00 40.08
CA LEU A 57 0.81 -1.93 40.45
C LEU A 57 1.03 -0.92 41.56
N VAL A 58 0.41 0.26 41.44
CA VAL A 58 0.54 1.28 42.47
C VAL A 58 -0.01 0.77 43.79
N VAL A 59 -0.99 -0.14 43.75
CA VAL A 59 -1.55 -0.69 44.97
C VAL A 59 -0.50 -1.52 45.70
N GLY A 60 0.04 -2.54 45.04
CA GLY A 60 1.03 -3.40 45.67
C GLY A 60 2.33 -2.71 46.00
N LEU A 61 2.58 -1.54 45.41
CA LEU A 61 3.84 -0.82 45.62
C LEU A 61 3.75 0.16 46.77
N LEU A 62 2.67 0.95 46.82
CA LEU A 62 2.52 1.99 47.84
C LEU A 62 1.39 1.69 48.83
N VAL A 63 0.31 1.05 48.38
CA VAL A 63 -0.86 0.88 49.24
C VAL A 63 -0.72 -0.36 50.10
N VAL A 64 -0.45 -1.50 49.49
CA VAL A 64 -0.42 -2.78 50.22
C VAL A 64 0.67 -2.75 51.28
N PRO A 65 1.91 -2.35 50.96
CA PRO A 65 2.95 -2.36 52.00
C PRO A 65 2.62 -1.46 53.17
N PHE A 66 2.22 -0.20 52.91
CA PHE A 66 1.86 0.70 53.99
C PHE A 66 0.65 0.18 54.76
N GLY A 67 -0.31 -0.41 54.04
CA GLY A 67 -1.49 -0.94 54.70
C GLY A 67 -1.17 -2.09 55.64
N ALA A 68 -0.34 -3.03 55.19
CA ALA A 68 0.00 -4.18 56.02
C ALA A 68 0.68 -3.73 57.31
N THR A 69 1.60 -2.77 57.23
CA THR A 69 2.28 -2.29 58.41
C THR A 69 1.30 -1.68 59.40
N LEU A 70 0.47 -0.74 58.93
CA LEU A 70 -0.50 -0.09 59.81
C LEU A 70 -1.39 -1.11 60.51
N VAL A 71 -1.68 -2.22 59.85
CA VAL A 71 -2.61 -3.20 60.41
C VAL A 71 -1.96 -3.98 61.55
N CYS A 72 -0.83 -4.62 61.27
CA CYS A 72 -0.21 -5.48 62.28
C CYS A 72 0.58 -4.70 63.31
N ARG A 73 1.07 -3.50 62.96
CA ARG A 73 1.79 -2.69 63.93
C ARG A 73 0.83 -2.05 64.93
N GLY A 74 -0.36 -1.66 64.47
CA GLY A 74 -1.37 -1.07 65.31
C GLY A 74 -1.56 0.42 65.12
N THR A 75 -0.57 1.11 64.58
CA THR A 75 -0.65 2.56 64.40
C THR A 75 0.16 2.96 63.17
N TRP A 76 -0.15 4.16 62.66
CA TRP A 76 0.52 4.72 61.50
C TRP A 76 1.62 5.67 62.00
N LEU A 77 2.87 5.22 61.89
CA LEU A 77 4.01 6.00 62.35
C LEU A 77 4.87 6.51 61.20
N TRP A 78 4.40 6.42 59.96
CA TRP A 78 5.17 6.91 58.83
C TRP A 78 5.18 8.44 58.78
N GLY A 79 4.00 9.04 58.88
CA GLY A 79 3.89 10.49 58.84
C GLY A 79 2.47 10.98 59.01
N SER A 80 2.31 12.20 59.54
CA SER A 80 0.97 12.75 59.73
C SER A 80 0.28 12.98 58.39
N PHE A 81 0.88 13.82 57.54
CA PHE A 81 0.29 14.08 56.23
C PHE A 81 0.33 12.84 55.34
N LEU A 82 1.31 11.95 55.56
CA LEU A 82 1.39 10.74 54.75
C LEU A 82 0.19 9.83 54.98
N CYS A 83 -0.41 9.89 56.17
CA CYS A 83 -1.59 9.08 56.44
C CYS A 83 -2.72 9.43 55.48
N GLU A 84 -3.03 10.72 55.36
CA GLU A 84 -4.07 11.15 54.43
C GLU A 84 -3.65 10.90 52.98
N LEU A 85 -2.38 11.13 52.67
CA LEU A 85 -1.90 10.90 51.31
C LEU A 85 -2.04 9.43 50.92
N TRP A 86 -1.64 8.52 51.83
CA TRP A 86 -1.77 7.10 51.54
C TRP A 86 -3.24 6.70 51.41
N THR A 87 -4.09 7.28 52.26
CA THR A 87 -5.52 6.97 52.18
C THR A 87 -6.11 7.45 50.86
N SER A 88 -5.84 8.70 50.49
CA SER A 88 -6.36 9.23 49.23
C SER A 88 -5.85 8.43 48.04
N LEU A 89 -4.58 8.00 48.09
CA LEU A 89 -4.05 7.18 47.00
C LEU A 89 -4.72 5.81 46.96
N ASP A 90 -5.16 5.31 48.12
CA ASP A 90 -5.84 4.01 48.16
C ASP A 90 -7.19 4.09 47.49
N VAL A 91 -7.99 5.10 47.85
CA VAL A 91 -9.30 5.27 47.22
C VAL A 91 -9.15 5.53 45.73
N LEU A 92 -8.11 6.28 45.34
CA LEU A 92 -7.87 6.54 43.93
C LEU A 92 -7.66 5.24 43.16
N CYS A 93 -6.73 4.41 43.63
CA CYS A 93 -6.42 3.17 42.91
C CYS A 93 -7.64 2.24 42.87
N VAL A 94 -8.34 2.11 43.99
CA VAL A 94 -9.52 1.24 44.02
C VAL A 94 -10.57 1.75 43.04
N THR A 95 -10.91 3.04 43.15
CA THR A 95 -11.91 3.61 42.24
C THR A 95 -11.48 3.47 40.79
N ALA A 96 -10.17 3.63 40.53
CA ALA A 96 -9.68 3.47 39.16
C ALA A 96 -9.77 2.02 38.71
N SER A 97 -9.42 1.08 39.59
CA SER A 97 -9.49 -0.33 39.22
C SER A 97 -10.93 -0.77 38.98
N ILE A 98 -11.85 -0.35 39.83
CA ILE A 98 -13.26 -0.71 39.64
C ILE A 98 -13.79 -0.12 38.34
N TRP A 99 -13.52 1.15 38.09
CA TRP A 99 -13.99 1.78 36.87
C TRP A 99 -13.35 1.15 35.64
N THR A 100 -12.09 0.71 35.75
CA THR A 100 -11.44 0.06 34.62
C THR A 100 -12.12 -1.27 34.29
N LEU A 101 -12.46 -2.05 35.32
CA LEU A 101 -13.17 -3.30 35.10
C LEU A 101 -14.52 -3.05 34.44
N CYS A 102 -15.17 -1.94 34.80
CA CYS A 102 -16.46 -1.61 34.19
C CYS A 102 -16.28 -1.12 32.76
N VAL A 103 -15.18 -0.41 32.50
CA VAL A 103 -14.94 0.10 31.14
C VAL A 103 -14.66 -1.04 30.19
N ILE A 104 -13.77 -1.96 30.56
CA ILE A 104 -13.48 -3.10 29.70
C ILE A 104 -14.73 -3.95 29.50
N ALA A 105 -15.57 -4.06 30.54
CA ALA A 105 -16.82 -4.78 30.39
C ALA A 105 -17.71 -4.11 29.35
N ILE A 106 -17.81 -2.78 29.40
CA ILE A 106 -18.59 -2.06 28.40
C ILE A 106 -17.97 -2.24 27.02
N ASP A 107 -16.64 -2.31 26.96
CA ASP A 107 -15.97 -2.52 25.68
C ASP A 107 -16.31 -3.89 25.11
N ARG A 108 -16.32 -4.93 25.94
CA ARG A 108 -16.70 -6.26 25.47
C ARG A 108 -18.15 -6.27 25.01
N TYR A 109 -19.03 -5.53 25.71
CA TYR A 109 -20.42 -5.44 25.29
C TYR A 109 -20.53 -4.70 23.96
N LEU A 110 -19.88 -3.55 23.85
CA LEU A 110 -19.88 -2.82 22.59
C LEU A 110 -19.29 -3.65 21.47
N ALA A 111 -18.41 -4.61 21.79
CA ALA A 111 -17.79 -5.44 20.77
C ALA A 111 -18.66 -6.64 20.43
N ILE A 112 -19.11 -7.38 21.44
CA ILE A 112 -19.89 -8.58 21.20
C ILE A 112 -21.24 -8.22 20.58
N THR A 113 -21.93 -7.24 21.14
CA THR A 113 -23.26 -6.87 20.65
C THR A 113 -23.16 -6.12 19.33
N SER A 114 -22.41 -5.02 19.29
CA SER A 114 -22.27 -4.18 18.11
C SER A 114 -20.80 -4.15 17.70
N PRO A 115 -20.27 -5.29 17.23
CA PRO A 115 -18.86 -5.30 16.83
C PRO A 115 -18.54 -4.31 15.73
N PHE A 116 -19.43 -4.15 14.75
CA PHE A 116 -19.13 -3.29 13.61
C PHE A 116 -19.14 -1.82 14.01
N ARG A 117 -20.01 -1.44 14.95
CA ARG A 117 -20.00 -0.07 15.46
C ARG A 117 -18.84 0.14 16.42
N TYR A 118 -18.39 -0.92 17.10
CA TYR A 118 -17.30 -0.79 18.06
C TYR A 118 -15.98 -0.47 17.36
N GLN A 119 -15.82 -0.89 16.10
CA GLN A 119 -14.59 -0.62 15.38
C GLN A 119 -14.33 0.88 15.27
N SER A 120 -15.34 1.61 14.81
CA SER A 120 -15.20 3.06 14.63
C SER A 120 -15.45 3.85 15.90
N LEU A 121 -16.31 3.35 16.79
CA LEU A 121 -16.59 4.08 18.03
C LEU A 121 -15.40 4.04 18.97
N MET A 122 -14.82 2.87 19.17
CA MET A 122 -13.71 2.67 20.11
C MET A 122 -12.39 2.80 19.33
N THR A 123 -11.73 3.93 19.50
CA THR A 123 -10.42 4.19 18.91
C THR A 123 -9.33 4.15 19.97
N ARG A 124 -8.12 3.81 19.54
CA ARG A 124 -6.99 3.76 20.47
C ARG A 124 -6.84 5.08 21.21
N ALA A 125 -6.84 6.19 20.47
CA ALA A 125 -6.75 7.50 21.11
C ALA A 125 -7.98 7.75 21.99
N ARG A 126 -9.16 7.31 21.54
CA ARG A 126 -10.36 7.46 22.36
C ARG A 126 -10.28 6.62 23.62
N ALA A 127 -9.79 5.38 23.50
CA ALA A 127 -9.62 4.54 24.68
C ALA A 127 -8.65 5.17 25.67
N LYS A 128 -7.59 5.81 25.17
CA LYS A 128 -6.68 6.52 26.05
C LYS A 128 -7.39 7.64 26.79
N VAL A 129 -8.31 8.33 26.11
CA VAL A 129 -9.08 9.39 26.77
C VAL A 129 -10.06 8.79 27.77
N ILE A 130 -10.57 7.58 27.48
CA ILE A 130 -11.51 6.95 28.39
C ILE A 130 -10.84 6.62 29.71
N ILE A 131 -9.65 6.01 29.65
CA ILE A 131 -8.93 5.71 30.89
C ILE A 131 -8.49 6.98 31.58
N CYS A 132 -8.19 8.04 30.82
CA CYS A 132 -7.82 9.31 31.43
C CYS A 132 -9.00 9.89 32.20
N THR A 133 -10.20 9.84 31.63
CA THR A 133 -11.38 10.31 32.35
C THR A 133 -11.66 9.43 33.56
N VAL A 134 -11.42 8.13 33.45
CA VAL A 134 -11.58 7.23 34.59
C VAL A 134 -10.65 7.65 35.72
N TRP A 135 -9.38 7.91 35.40
CA TRP A 135 -8.44 8.37 36.40
C TRP A 135 -8.83 9.74 36.94
N ALA A 136 -9.52 10.54 36.12
CA ALA A 136 -9.93 11.88 36.56
C ALA A 136 -11.07 11.81 37.56
N ILE A 137 -12.11 11.03 37.24
CA ILE A 137 -13.25 10.92 38.14
C ILE A 137 -12.84 10.25 39.45
N SER A 138 -11.91 9.29 39.37
CA SER A 138 -11.44 8.63 40.59
C SER A 138 -10.69 9.61 41.48
N ALA A 139 -9.86 10.47 40.90
CA ALA A 139 -9.16 11.48 41.68
C ALA A 139 -10.13 12.46 42.31
N LEU A 140 -11.17 12.86 41.56
CA LEU A 140 -12.17 13.76 42.11
C LEU A 140 -12.92 13.12 43.28
N VAL A 141 -12.96 11.79 43.33
CA VAL A 141 -13.66 11.12 44.43
C VAL A 141 -12.70 10.80 45.57
N SER A 142 -11.41 10.69 45.28
CA SER A 142 -10.42 10.30 46.28
C SER A 142 -9.55 11.47 46.74
N PHE A 143 -8.94 12.19 45.80
CA PHE A 143 -7.99 13.24 46.15
C PHE A 143 -8.71 14.52 46.56
N LEU A 144 -9.69 14.95 45.77
CA LEU A 144 -10.37 16.21 46.04
C LEU A 144 -10.95 16.27 47.45
N PRO A 145 -11.66 15.25 47.95
CA PRO A 145 -12.13 15.33 49.34
C PRO A 145 -11.01 15.36 50.35
N ILE A 146 -9.92 14.62 50.10
CA ILE A 146 -8.80 14.61 51.03
C ILE A 146 -8.17 15.99 51.13
N MET A 147 -7.96 16.64 49.99
CA MET A 147 -7.38 17.98 50.00
C MET A 147 -8.25 18.94 50.81
N MET A 148 -9.57 18.78 50.73
CA MET A 148 -10.49 19.62 51.49
C MET A 148 -10.97 18.95 52.78
N HIS A 149 -10.53 17.74 53.05
CA HIS A 149 -10.91 17.02 54.28
C HIS A 149 -12.42 16.84 54.38
N TRP A 150 -13.09 16.71 53.23
CA TRP A 150 -14.54 16.49 53.25
C TRP A 150 -14.89 15.12 53.78
N TRP A 151 -14.00 14.13 53.61
CA TRP A 151 -14.28 12.78 54.08
C TRP A 151 -14.19 12.66 55.60
N ARG A 152 -13.46 13.56 56.25
CA ARG A 152 -13.31 13.49 57.70
C ARG A 152 -14.68 13.60 58.38
N ASP A 153 -14.98 12.63 59.23
CA ASP A 153 -16.25 12.62 59.94
C ASP A 153 -16.19 13.50 61.18
N GLU A 154 -17.36 13.91 61.65
CA GLU A 154 -17.48 14.76 62.83
C GLU A 154 -17.74 13.97 64.10
N ASP A 155 -17.67 12.64 64.04
CA ASP A 155 -17.89 11.81 65.21
C ASP A 155 -16.79 12.05 66.24
N PRO A 156 -17.06 11.80 67.51
CA PRO A 156 -16.01 12.00 68.53
C PRO A 156 -14.81 11.09 68.33
N GLN A 157 -15.04 9.79 68.11
CA GLN A 157 -13.94 8.89 67.87
C GLN A 157 -13.21 9.24 66.58
N ALA A 158 -13.94 9.69 65.57
CA ALA A 158 -13.32 10.07 64.31
C ALA A 158 -12.43 11.30 64.48
N LEU A 159 -12.93 12.32 65.18
CA LEU A 159 -12.13 13.51 65.40
C LEU A 159 -10.89 13.19 66.22
N LYS A 160 -11.02 12.31 67.22
CA LYS A 160 -9.86 11.92 68.02
C LYS A 160 -8.80 11.25 67.15
N CYS A 161 -9.23 10.37 66.23
CA CYS A 161 -8.27 9.70 65.36
C CYS A 161 -7.58 10.69 64.43
N TYR A 162 -8.33 11.64 63.88
CA TYR A 162 -7.74 12.61 62.98
C TYR A 162 -6.73 13.50 63.71
N GLN A 163 -7.08 13.94 64.92
CA GLN A 163 -6.17 14.79 65.69
C GLN A 163 -4.89 14.03 66.03
N ASP A 164 -5.01 12.74 66.33
CA ASP A 164 -3.85 11.94 66.69
C ASP A 164 -3.06 11.61 65.42
N PRO A 165 -1.81 12.07 65.29
CA PRO A 165 -1.04 11.72 64.08
C PRO A 165 -0.85 10.22 63.90
N GLY A 166 -0.69 9.49 65.01
CA GLY A 166 -0.49 8.05 64.89
C GLY A 166 -1.71 7.34 64.34
N CYS A 167 -2.90 7.73 64.80
CA CYS A 167 -4.13 7.07 64.36
C CYS A 167 -4.39 7.41 62.89
N CYS A 168 -4.67 6.36 62.09
CA CYS A 168 -4.96 6.55 60.67
C CYS A 168 -6.11 5.66 60.20
N ASP A 169 -7.01 5.26 61.10
CA ASP A 169 -8.13 4.44 60.70
C ASP A 169 -9.01 5.17 59.69
N PHE A 170 -9.56 4.42 58.74
CA PHE A 170 -10.40 4.98 57.68
C PHE A 170 -11.81 5.16 58.21
N VAL A 171 -12.13 6.38 58.63
CA VAL A 171 -13.46 6.72 59.14
C VAL A 171 -14.02 7.82 58.25
N THR A 172 -15.26 7.64 57.79
CA THR A 172 -15.92 8.57 56.90
C THR A 172 -17.33 8.87 57.40
N ASN A 173 -17.83 10.04 57.06
CA ASN A 173 -19.16 10.44 57.46
C ASN A 173 -20.21 9.76 56.60
N ARG A 174 -21.47 9.81 57.06
CA ARG A 174 -22.56 9.16 56.34
C ARG A 174 -22.66 9.69 54.91
N ALA A 175 -22.61 11.01 54.75
CA ALA A 175 -22.75 11.61 53.43
C ALA A 175 -21.65 11.13 52.49
N TYR A 176 -20.38 11.35 52.88
CA TYR A 176 -19.28 10.97 52.01
C TYR A 176 -19.18 9.46 51.85
N ALA A 177 -19.42 8.71 52.92
CA ALA A 177 -19.35 7.26 52.84
C ALA A 177 -20.31 6.71 51.79
N ILE A 178 -21.55 7.19 51.81
CA ILE A 178 -22.53 6.75 50.81
C ILE A 178 -22.14 7.26 49.44
N ALA A 179 -21.80 8.55 49.34
CA ALA A 179 -21.45 9.13 48.05
C ALA A 179 -20.30 8.35 47.41
N SER A 180 -19.27 8.02 48.20
CA SER A 180 -18.14 7.28 47.65
C SER A 180 -18.54 5.85 47.30
N SER A 181 -19.35 5.21 48.15
CA SER A 181 -19.73 3.83 47.89
C SER A 181 -20.62 3.71 46.66
N ILE A 182 -21.48 4.70 46.41
CA ILE A 182 -22.38 4.63 45.27
C ILE A 182 -21.66 4.98 43.98
N ILE A 183 -20.70 5.91 44.04
CA ILE A 183 -20.02 6.37 42.84
C ILE A 183 -18.82 5.51 42.47
N SER A 184 -18.23 4.80 43.43
CA SER A 184 -16.99 4.05 43.21
C SER A 184 -17.24 2.58 42.90
N PHE A 185 -18.16 1.93 43.61
CA PHE A 185 -18.37 0.49 43.47
C PHE A 185 -19.76 0.13 42.98
N TYR A 186 -20.81 0.65 43.63
CA TYR A 186 -22.16 0.18 43.34
C TYR A 186 -22.60 0.55 41.92
N ILE A 187 -22.32 1.78 41.50
CA ILE A 187 -22.73 2.24 40.18
C ILE A 187 -21.97 1.43 39.13
N PRO A 188 -20.64 1.37 39.19
CA PRO A 188 -19.93 0.46 38.28
C PRO A 188 -20.37 -0.98 38.41
N LEU A 189 -20.72 -1.43 39.62
CA LEU A 189 -21.18 -2.79 39.81
C LEU A 189 -22.47 -3.04 39.03
N LEU A 190 -23.44 -2.14 39.17
CA LEU A 190 -24.69 -2.29 38.43
C LEU A 190 -24.44 -2.26 36.92
N ILE A 191 -23.53 -1.38 36.48
CA ILE A 191 -23.19 -1.33 35.06
C ILE A 191 -22.46 -2.61 34.64
N MET A 192 -21.62 -3.14 35.53
CA MET A 192 -20.86 -4.34 35.20
C MET A 192 -21.77 -5.55 35.12
N ILE A 193 -22.58 -5.78 36.15
CA ILE A 193 -23.46 -6.94 36.17
C ILE A 193 -24.46 -6.87 35.01
N PHE A 194 -25.00 -5.68 34.74
CA PHE A 194 -25.94 -5.53 33.64
C PHE A 194 -25.26 -5.74 32.29
N VAL A 195 -24.05 -5.18 32.14
CA VAL A 195 -23.33 -5.32 30.88
C VAL A 195 -22.96 -6.77 30.64
N TYR A 196 -22.56 -7.49 31.69
CA TYR A 196 -22.17 -8.88 31.54
C TYR A 196 -23.38 -9.78 31.29
N LEU A 197 -24.53 -9.44 31.90
CA LEU A 197 -25.74 -10.21 31.64
C LEU A 197 -26.15 -10.11 30.18
N ARG A 198 -26.10 -8.90 29.62
CA ARG A 198 -26.40 -8.73 28.20
C ARG A 198 -25.37 -9.44 27.33
N VAL A 199 -24.11 -9.43 27.75
CA VAL A 199 -23.07 -10.12 26.99
C VAL A 199 -23.32 -11.62 27.00
N TYR A 200 -23.68 -12.18 28.16
CA TYR A 200 -23.96 -13.61 28.24
C TYR A 200 -25.15 -13.99 27.36
N ARG A 201 -26.21 -13.18 27.41
CA ARG A 201 -27.38 -13.45 26.57
C ARG A 201 -27.01 -13.37 25.09
N GLU A 202 -26.31 -12.30 24.69
CA GLU A 202 -25.90 -12.17 23.29
C GLU A 202 -24.92 -13.26 22.89
N ALA A 203 -24.04 -13.67 23.82
CA ALA A 203 -23.09 -14.73 23.50
C ALA A 203 -23.81 -16.05 23.22
N LYS A 204 -24.84 -16.37 24.02
CA LYS A 204 -25.60 -17.59 23.77
C LYS A 204 -26.32 -17.51 22.43
N GLU A 205 -26.86 -16.35 22.08
CA GLU A 205 -27.53 -16.20 20.80
C GLU A 205 -26.56 -16.41 19.64
N GLN A 206 -25.35 -15.87 19.75
CA GLN A 206 -24.35 -16.08 18.71
C GLN A 206 -23.96 -17.55 18.61
N ILE A 207 -23.81 -18.23 19.75
CA ILE A 207 -23.48 -19.65 19.73
C ILE A 207 -24.62 -20.46 19.12
N ARG A 208 -25.86 -20.09 19.43
CA ARG A 208 -27.01 -20.79 18.85
C ARG A 208 -27.07 -20.58 17.33
N LYS A 209 -26.80 -19.36 16.88
CA LYS A 209 -26.84 -19.09 15.44
C LYS A 209 -25.77 -19.88 14.71
N ILE A 210 -24.56 -19.95 15.28
CA ILE A 210 -23.48 -20.69 14.63
C ILE A 210 -23.76 -22.19 14.69
N ASP A 211 -24.25 -22.68 15.83
CA ASP A 211 -24.55 -24.10 15.99
C ASP A 211 -25.71 -24.51 15.11
N VAL A 221 -16.06 -29.09 19.49
CA VAL A 221 -15.20 -27.93 19.23
C VAL A 221 -16.01 -26.65 19.35
N MET A 222 -17.27 -26.69 18.91
CA MET A 222 -18.14 -25.54 18.96
C MET A 222 -18.78 -25.36 20.33
N ALA A 223 -19.22 -26.46 20.96
CA ALA A 223 -19.81 -26.37 22.28
C ALA A 223 -18.76 -26.24 23.37
N MET A 224 -17.59 -26.86 23.17
CA MET A 224 -16.51 -26.76 24.15
C MET A 224 -16.04 -25.32 24.29
N ARG A 225 -15.80 -24.65 23.17
CA ARG A 225 -15.38 -23.26 23.22
C ARG A 225 -16.46 -22.38 23.85
N GLU A 226 -17.73 -22.68 23.57
CA GLU A 226 -18.83 -21.92 24.16
C GLU A 226 -18.84 -22.08 25.67
N HIS A 227 -18.72 -23.31 26.16
CA HIS A 227 -18.68 -23.54 27.60
C HIS A 227 -17.47 -22.88 28.22
N LYS A 228 -16.33 -22.90 27.53
CA LYS A 228 -15.13 -22.25 28.04
C LYS A 228 -15.32 -20.75 28.14
N ALA A 229 -15.92 -20.14 27.13
CA ALA A 229 -16.18 -18.71 27.17
C ALA A 229 -17.19 -18.37 28.26
N LEU A 230 -18.26 -19.15 28.38
CA LEU A 230 -19.23 -18.93 29.44
C LEU A 230 -18.59 -19.08 30.81
N LYS A 231 -17.73 -20.09 30.97
CA LYS A 231 -17.04 -20.27 32.25
C LYS A 231 -16.07 -19.13 32.52
N THR A 232 -15.39 -18.65 31.47
CA THR A 232 -14.47 -17.53 31.63
C THR A 232 -15.21 -16.30 32.16
N LEU A 233 -16.38 -16.01 31.59
CA LEU A 233 -17.15 -14.85 32.03
C LEU A 233 -17.54 -14.98 33.51
N GLY A 234 -17.91 -16.19 33.93
CA GLY A 234 -18.35 -16.36 35.31
C GLY A 234 -17.23 -16.17 36.31
N ILE A 235 -16.04 -16.71 36.02
CA ILE A 235 -14.94 -16.64 36.97
C ILE A 235 -14.45 -15.20 37.13
N ILE A 236 -14.44 -14.44 36.04
CA ILE A 236 -13.99 -13.05 36.12
C ILE A 236 -14.99 -12.19 36.87
N MET A 237 -16.27 -12.59 36.90
CA MET A 237 -17.27 -11.82 37.62
C MET A 237 -17.38 -12.29 39.07
N GLY A 238 -17.27 -13.59 39.31
CA GLY A 238 -17.34 -14.10 40.67
C GLY A 238 -16.16 -13.65 41.52
N VAL A 239 -14.96 -13.67 40.95
CA VAL A 239 -13.77 -13.25 41.69
C VAL A 239 -13.89 -11.77 42.06
N PHE A 240 -14.41 -10.96 41.14
CA PHE A 240 -14.56 -9.53 41.41
C PHE A 240 -15.62 -9.30 42.49
N THR A 241 -16.76 -9.97 42.39
CA THR A 241 -17.82 -9.79 43.38
C THR A 241 -17.38 -10.30 44.74
N LEU A 242 -16.98 -11.57 44.82
CA LEU A 242 -16.61 -12.16 46.10
C LEU A 242 -15.53 -11.36 46.82
N CYS A 243 -14.74 -10.58 46.07
CA CYS A 243 -13.63 -9.85 46.67
C CYS A 243 -14.06 -8.47 47.15
N TRP A 244 -14.82 -7.74 46.32
CA TRP A 244 -15.13 -6.34 46.58
C TRP A 244 -16.48 -6.15 47.28
N LEU A 245 -17.50 -6.90 46.90
CA LEU A 245 -18.82 -6.73 47.51
C LEU A 245 -18.79 -6.77 49.03
N PRO A 246 -18.10 -7.72 49.67
CA PRO A 246 -18.09 -7.71 51.15
C PRO A 246 -17.58 -6.43 51.75
N PHE A 247 -16.52 -5.84 51.16
CA PHE A 247 -15.96 -4.61 51.73
C PHE A 247 -16.98 -3.47 51.68
N PHE A 248 -17.51 -3.18 50.49
CA PHE A 248 -18.49 -2.10 50.37
C PHE A 248 -19.81 -2.48 51.02
N LEU A 249 -20.07 -3.77 51.23
CA LEU A 249 -21.29 -4.18 51.90
C LEU A 249 -21.25 -3.83 53.39
N VAL A 250 -20.14 -4.16 54.05
CA VAL A 250 -20.02 -3.83 55.47
C VAL A 250 -19.82 -2.34 55.66
N ASN A 251 -19.20 -1.67 54.68
CA ASN A 251 -19.01 -0.22 54.79
C ASN A 251 -20.34 0.52 54.80
N ILE A 252 -21.33 0.02 54.05
CA ILE A 252 -22.64 0.66 54.05
C ILE A 252 -23.25 0.64 55.44
N VAL A 253 -23.06 -0.47 56.16
CA VAL A 253 -23.57 -0.56 57.53
C VAL A 253 -22.70 0.26 58.47
N ASN A 254 -21.39 0.29 58.24
CA ASN A 254 -20.51 1.08 59.10
C ASN A 254 -20.86 2.56 59.01
N VAL A 255 -21.29 3.03 57.84
CA VAL A 255 -21.68 4.43 57.70
C VAL A 255 -22.87 4.74 58.59
N PHE A 256 -23.87 3.85 58.60
CA PHE A 256 -25.04 4.06 59.44
C PHE A 256 -24.69 3.92 60.92
N ASN A 257 -23.88 2.92 61.26
CA ASN A 257 -23.45 2.67 62.63
C ASN A 257 -21.96 2.36 62.60
N ARG A 258 -21.13 3.38 62.90
CA ARG A 258 -19.69 3.18 62.88
C ARG A 258 -19.25 2.30 64.05
N ASP A 259 -19.72 2.61 65.25
CA ASP A 259 -19.34 1.82 66.42
C ASP A 259 -19.89 0.41 66.35
N LEU A 260 -21.04 0.22 65.71
CA LEU A 260 -21.63 -1.11 65.61
C LEU A 260 -20.73 -2.07 64.83
N VAL A 261 -20.20 -1.61 63.71
CA VAL A 261 -19.34 -2.44 62.87
C VAL A 261 -17.95 -2.52 63.51
N PRO A 262 -17.25 -3.64 63.41
CA PRO A 262 -15.91 -3.73 64.00
C PRO A 262 -14.82 -3.26 63.03
N LYS A 263 -13.67 -2.91 63.62
CA LYS A 263 -12.55 -2.44 62.82
C LYS A 263 -11.77 -3.58 62.20
N TRP A 264 -11.61 -4.69 62.93
CA TRP A 264 -10.84 -5.82 62.40
C TRP A 264 -11.53 -6.43 61.20
N LEU A 265 -12.87 -6.45 61.20
CA LEU A 265 -13.60 -6.99 60.05
C LEU A 265 -13.49 -6.05 58.85
N PHE A 266 -13.60 -4.74 59.09
CA PHE A 266 -13.46 -3.78 58.00
C PHE A 266 -12.11 -3.94 57.31
N VAL A 267 -11.05 -4.18 58.07
CA VAL A 267 -9.74 -4.40 57.49
C VAL A 267 -9.70 -5.74 56.75
N ALA A 268 -10.28 -6.78 57.35
CA ALA A 268 -10.28 -8.10 56.72
C ALA A 268 -10.98 -8.06 55.37
N PHE A 269 -12.13 -7.37 55.30
CA PHE A 269 -12.83 -7.27 54.03
C PHE A 269 -12.10 -6.36 53.06
N ASN A 270 -11.42 -5.32 53.57
CA ASN A 270 -10.64 -4.45 52.70
C ASN A 270 -9.51 -5.22 52.02
N TRP A 271 -8.88 -6.14 52.75
CA TRP A 271 -7.85 -6.97 52.15
C TRP A 271 -8.46 -7.94 51.14
N LEU A 272 -9.65 -8.45 51.42
CA LEU A 272 -10.34 -9.29 50.45
C LEU A 272 -10.64 -8.52 49.17
N GLY A 273 -10.84 -7.21 49.28
CA GLY A 273 -11.03 -6.40 48.08
C GLY A 273 -9.74 -6.22 47.31
N TYR A 274 -8.63 -6.00 48.03
CA TYR A 274 -7.34 -5.91 47.37
C TYR A 274 -6.99 -7.19 46.63
N ALA A 275 -7.50 -8.32 47.10
CA ALA A 275 -7.23 -9.59 46.41
C ALA A 275 -7.71 -9.55 44.97
N ASN A 276 -8.76 -8.78 44.69
CA ASN A 276 -9.22 -8.64 43.30
C ASN A 276 -8.12 -8.04 42.43
N SER A 277 -7.54 -6.92 42.87
CA SER A 277 -6.44 -6.34 42.13
C SER A 277 -5.23 -7.29 42.07
N ALA A 278 -5.08 -8.14 43.08
CA ALA A 278 -3.97 -9.08 43.09
C ALA A 278 -4.20 -10.21 42.09
N MET A 279 -5.45 -10.65 41.94
CA MET A 279 -5.79 -11.73 41.02
C MET A 279 -6.18 -11.25 39.63
N ASN A 280 -6.38 -9.94 39.45
CA ASN A 280 -6.73 -9.43 38.13
C ASN A 280 -5.69 -9.75 37.08
N PRO A 281 -4.38 -9.57 37.32
CA PRO A 281 -3.40 -9.88 36.26
C PRO A 281 -3.50 -11.30 35.74
N ILE A 282 -3.65 -12.29 36.63
CA ILE A 282 -3.70 -13.68 36.21
C ILE A 282 -5.08 -14.14 35.79
N ILE A 283 -6.12 -13.34 36.07
CA ILE A 283 -7.49 -13.72 35.76
C ILE A 283 -7.93 -13.08 34.46
N TYR A 284 -7.46 -11.85 34.20
CA TYR A 284 -7.85 -11.11 33.01
C TYR A 284 -6.88 -11.29 31.85
N CYS A 285 -5.77 -12.00 32.06
CA CYS A 285 -4.79 -12.25 31.00
C CYS A 285 -4.63 -13.75 30.75
N ARG A 286 -5.71 -14.51 30.92
CA ARG A 286 -5.68 -15.95 30.73
C ARG A 286 -5.72 -16.36 29.25
N SER A 287 -5.87 -15.40 28.33
CA SER A 287 -5.94 -15.72 26.92
C SER A 287 -4.63 -16.35 26.46
N PRO A 288 -4.67 -17.12 25.36
CA PRO A 288 -3.42 -17.73 24.87
C PRO A 288 -2.36 -16.71 24.48
N ASP A 289 -2.76 -15.56 23.93
CA ASP A 289 -1.78 -14.55 23.56
C ASP A 289 -0.99 -14.07 24.76
N PHE A 290 -1.67 -13.88 25.90
CA PHE A 290 -0.99 -13.44 27.11
C PHE A 290 -0.23 -14.58 27.77
N ARG A 291 -0.76 -15.80 27.72
CA ARG A 291 -0.06 -16.94 28.32
C ARG A 291 1.26 -17.19 27.63
N LYS A 292 1.29 -17.09 26.30
CA LYS A 292 2.54 -17.31 25.57
C LYS A 292 3.57 -16.25 25.95
N ALA A 293 3.15 -14.99 26.10
CA ALA A 293 4.09 -13.95 26.48
C ALA A 293 4.63 -14.18 27.89
N PHE A 294 3.78 -14.64 28.81
CA PHE A 294 4.23 -14.93 30.16
C PHE A 294 5.24 -16.08 30.16
N LYS A 295 4.98 -17.13 29.38
CA LYS A 295 5.92 -18.24 29.30
C LYS A 295 7.25 -17.79 28.73
N ARG A 296 7.22 -16.90 27.73
CA ARG A 296 8.45 -16.39 27.15
C ARG A 296 9.24 -15.58 28.17
N LEU A 297 8.56 -14.70 28.92
CA LEU A 297 9.24 -13.90 29.92
C LEU A 297 9.85 -14.78 31.01
N LEU A 298 9.13 -15.83 31.41
CA LEU A 298 9.62 -16.75 32.43
C LEU A 298 10.64 -17.74 31.90
N ALA A 299 10.84 -17.81 30.59
CA ALA A 299 11.81 -18.74 30.00
C ALA A 299 13.23 -18.26 30.27
N GLU A 313 6.18 -21.25 11.10
CA GLU A 313 5.32 -20.08 11.00
C GLU A 313 4.67 -20.01 9.62
N SEP A 314 3.84 -18.99 9.42
CA SEP A 314 3.14 -18.77 8.12
CB SEP A 314 2.30 -17.51 8.17
OG SEP A 314 1.12 -17.72 8.95
C SEP A 314 4.11 -18.70 6.97
O SEP A 314 4.90 -17.74 6.90
P SEP A 314 -0.22 -18.31 8.27
O1P SEP A 314 0.08 -19.69 7.72
O2P SEP A 314 -0.64 -17.39 7.15
O3P SEP A 314 -1.30 -18.39 9.32
N ALA A 315 4.05 -19.67 6.08
CA ALA A 315 4.93 -19.70 4.91
C ALA A 315 4.37 -18.81 3.81
N TPO A 316 5.23 -17.98 3.23
CA TPO A 316 4.84 -17.05 2.15
CB TPO A 316 6.04 -16.21 1.70
CG2 TPO A 316 7.03 -17.05 0.89
OG1 TPO A 316 5.61 -15.11 0.91
P TPO A 316 4.92 -13.83 1.59
O1P TPO A 316 3.42 -14.02 1.64
O2P TPO A 316 5.26 -12.60 0.78
O3P TPO A 316 5.47 -13.67 3.00
C TPO A 316 4.23 -17.77 0.98
O TPO A 316 4.61 -18.93 0.71
N TPO A 317 3.32 -17.11 0.27
CA TPO A 317 2.63 -17.72 -0.90
CB TPO A 317 1.30 -17.03 -1.12
CG2 TPO A 317 0.58 -17.55 -2.37
OG1 TPO A 317 0.46 -17.24 0.01
P TPO A 317 -0.03 -16.01 0.93
O1P TPO A 317 -1.28 -16.42 1.68
O2P TPO A 317 -0.32 -14.82 0.04
O3P TPO A 317 1.08 -15.66 1.91
C TPO A 317 3.47 -17.64 -2.14
O TPO A 317 3.66 -16.54 -2.70
N ALA A 318 3.98 -18.78 -2.59
CA ALA A 318 4.80 -18.84 -3.79
C ALA A 318 3.96 -19.21 -5.00
N SEP A 319 4.62 -19.68 -6.06
CA SEP A 319 3.90 -20.07 -7.30
CB SEP A 319 3.49 -18.84 -8.10
OG SEP A 319 4.62 -17.98 -8.26
C SEP A 319 4.74 -20.97 -8.16
O SEP A 319 5.99 -20.86 -8.15
P SEP A 319 4.48 -16.60 -9.09
O1P SEP A 319 4.25 -16.93 -10.54
O2P SEP A 319 3.31 -15.82 -8.53
O3P SEP A 319 5.75 -15.81 -8.92
N SEP A 320 4.09 -21.85 -8.91
CA SEP A 320 4.80 -22.79 -9.82
CB SEP A 320 4.65 -24.23 -9.34
OG SEP A 320 5.53 -25.09 -10.05
C SEP A 320 4.29 -22.67 -11.24
O SEP A 320 3.15 -22.22 -11.44
P SEP A 320 7.05 -25.31 -9.54
O1P SEP A 320 7.01 -25.89 -8.15
O2P SEP A 320 7.77 -23.98 -9.53
O3P SEP A 320 7.74 -26.27 -10.47
N SEP A 321 5.11 -23.06 -12.21
CA SEP A 321 4.73 -22.99 -13.65
CB SEP A 321 5.97 -22.88 -14.52
OG SEP A 321 6.44 -24.15 -14.91
C SEP A 321 3.91 -24.17 -14.08
O SEP A 321 4.36 -25.33 -13.91
P SEP A 321 7.46 -25.01 -13.99
O1P SEP A 321 6.70 -25.61 -12.84
O2P SEP A 321 8.54 -24.09 -13.47
O3P SEP A 321 8.08 -26.11 -14.82
N LEU A 322 2.73 -23.92 -14.62
CA LEU A 322 1.87 -24.98 -15.12
C LEU A 322 2.09 -25.18 -16.62
N ALA A 323 2.27 -26.43 -17.02
CA ALA A 323 2.53 -26.72 -18.43
C ALA A 323 1.39 -26.21 -19.30
N LYS A 324 1.72 -25.34 -20.25
CA LYS A 324 0.71 -24.79 -21.14
C LYS A 324 0.11 -25.88 -22.01
N ASP A 325 -1.17 -25.69 -22.38
CA ASP A 325 -1.88 -26.65 -23.20
C ASP A 325 -1.50 -26.48 -24.67
N THR B 6 0.58 -20.98 -17.99
CA THR B 6 -0.01 -20.22 -16.89
C THR B 6 0.73 -20.49 -15.59
N ARG B 7 0.29 -19.85 -14.52
CA ARG B 7 0.89 -19.99 -13.20
C ARG B 7 -0.14 -20.50 -12.21
N VAL B 8 0.35 -21.15 -11.15
CA VAL B 8 -0.48 -21.68 -10.08
C VAL B 8 0.11 -21.27 -8.75
N PHE B 9 -0.71 -20.69 -7.88
CA PHE B 9 -0.27 -20.23 -6.57
C PHE B 9 -0.23 -21.44 -5.64
N LYS B 10 0.96 -21.73 -5.11
CA LYS B 10 1.18 -22.91 -4.27
C LYS B 10 1.71 -22.46 -2.90
N LYS B 11 0.78 -22.28 -1.96
CA LYS B 11 1.16 -21.99 -0.59
C LYS B 11 1.38 -23.29 0.17
N ALA B 12 2.48 -23.36 0.92
CA ALA B 12 2.85 -24.54 1.67
C ALA B 12 2.59 -24.35 3.16
N SER B 13 2.47 -25.47 3.86
CA SER B 13 2.25 -25.42 5.30
C SER B 13 3.56 -25.12 6.02
N PRO B 14 3.49 -24.72 7.30
CA PRO B 14 4.73 -24.49 8.05
C PRO B 14 5.68 -25.68 8.01
N ASN B 15 5.14 -26.89 8.17
CA ASN B 15 5.99 -28.08 8.09
C ASN B 15 6.48 -28.31 6.67
N GLY B 16 5.64 -28.04 5.67
CA GLY B 16 5.99 -28.20 4.28
C GLY B 16 5.39 -29.41 3.60
N LYS B 17 4.61 -30.22 4.33
CA LYS B 17 4.04 -31.42 3.72
C LYS B 17 2.87 -31.07 2.81
N LEU B 18 2.01 -30.15 3.24
CA LEU B 18 0.83 -29.76 2.46
C LEU B 18 1.17 -28.53 1.63
N THR B 19 0.80 -28.58 0.34
CA THR B 19 0.98 -27.46 -0.58
C THR B 19 -0.24 -27.44 -1.50
N VAL B 20 -1.12 -26.47 -1.32
CA VAL B 20 -2.35 -26.37 -2.09
C VAL B 20 -2.06 -25.56 -3.34
N TYR B 21 -2.39 -26.11 -4.51
CA TYR B 21 -2.14 -25.46 -5.80
C TYR B 21 -3.47 -24.86 -6.30
N LEU B 22 -3.69 -23.61 -5.91
CA LEU B 22 -4.87 -22.87 -6.37
C LEU B 22 -4.50 -22.07 -7.61
N GLY B 23 -5.19 -22.33 -8.72
CA GLY B 23 -4.88 -21.67 -9.97
C GLY B 23 -4.98 -20.15 -9.91
N LYS B 24 -5.88 -19.63 -9.08
CA LYS B 24 -6.07 -18.18 -8.97
C LYS B 24 -6.56 -17.86 -7.57
N ARG B 25 -6.02 -16.77 -7.01
CA ARG B 25 -6.43 -16.30 -5.69
C ARG B 25 -7.64 -15.38 -5.74
N ASP B 26 -8.06 -14.96 -6.92
CA ASP B 26 -9.25 -14.13 -7.10
C ASP B 26 -10.20 -14.82 -8.06
N PHE B 27 -11.43 -15.04 -7.64
CA PHE B 27 -12.44 -15.75 -8.42
C PHE B 27 -13.55 -14.78 -8.79
N VAL B 28 -13.79 -14.63 -10.09
CA VAL B 28 -14.89 -13.78 -10.55
C VAL B 28 -16.20 -14.29 -9.98
N ASP B 29 -17.05 -13.36 -9.56
CA ASP B 29 -18.31 -13.67 -8.89
C ASP B 29 -19.45 -13.31 -9.83
N HIS B 30 -19.94 -14.31 -10.58
CA HIS B 30 -21.12 -14.13 -11.41
C HIS B 30 -22.36 -14.44 -10.57
N ILE B 31 -23.27 -13.47 -10.47
CA ILE B 31 -24.46 -13.65 -9.65
C ILE B 31 -25.28 -14.83 -10.13
N ASP B 32 -25.18 -15.16 -11.43
CA ASP B 32 -25.94 -16.30 -11.95
C ASP B 32 -25.32 -17.62 -11.51
N LEU B 33 -23.99 -17.72 -11.54
CA LEU B 33 -23.31 -18.96 -11.14
C LEU B 33 -21.90 -18.59 -10.70
N VAL B 34 -21.63 -18.69 -9.39
CA VAL B 34 -20.31 -18.38 -8.87
C VAL B 34 -19.31 -19.43 -9.36
N ASP B 35 -18.09 -18.99 -9.67
CA ASP B 35 -17.08 -19.91 -10.16
C ASP B 35 -16.60 -20.82 -9.04
N PRO B 36 -16.06 -21.99 -9.39
CA PRO B 36 -15.60 -22.92 -8.36
C PRO B 36 -14.16 -22.66 -7.91
N VAL B 37 -13.91 -22.94 -6.64
CA VAL B 37 -12.54 -22.81 -6.08
C VAL B 37 -11.90 -24.18 -6.25
N ASP B 38 -11.26 -24.37 -7.40
CA ASP B 38 -10.69 -25.65 -7.79
C ASP B 38 -9.18 -25.63 -7.58
N GLY B 39 -8.67 -26.69 -6.97
CA GLY B 39 -7.24 -26.84 -6.74
C GLY B 39 -6.91 -28.26 -6.37
N VAL B 40 -5.61 -28.52 -6.20
CA VAL B 40 -5.12 -29.83 -5.80
C VAL B 40 -4.11 -29.65 -4.67
N VAL B 41 -4.08 -30.62 -3.77
CA VAL B 41 -3.18 -30.61 -2.61
C VAL B 41 -2.14 -31.70 -2.81
N LEU B 42 -0.87 -31.30 -2.84
CA LEU B 42 0.24 -32.24 -3.00
C LEU B 42 0.70 -32.66 -1.61
N VAL B 43 0.51 -33.93 -1.28
CA VAL B 43 0.89 -34.47 0.01
C VAL B 43 1.72 -35.74 -0.21
N ASP B 44 2.56 -36.06 0.76
CA ASP B 44 3.41 -37.24 0.68
C ASP B 44 2.64 -38.45 1.18
N PRO B 45 2.39 -39.47 0.34
CA PRO B 45 1.67 -40.65 0.85
C PRO B 45 2.33 -41.32 2.03
N GLU B 46 3.65 -41.18 2.19
CA GLU B 46 4.32 -41.78 3.34
C GLU B 46 4.02 -41.02 4.62
N TYR B 47 3.91 -39.69 4.53
CA TYR B 47 3.55 -38.89 5.69
C TYR B 47 2.07 -39.03 6.01
N LEU B 48 1.74 -38.89 7.29
CA LEU B 48 0.36 -38.96 7.78
C LEU B 48 -0.35 -40.19 7.21
N LYS B 49 0.21 -41.37 7.48
CA LYS B 49 -0.37 -42.59 6.94
C LYS B 49 -1.70 -42.91 7.60
N GLU B 50 -1.95 -42.39 8.80
CA GLU B 50 -3.20 -42.64 9.51
C GLU B 50 -4.20 -41.49 9.35
N ARG B 51 -3.73 -40.26 9.30
CA ARG B 51 -4.61 -39.11 9.18
C ARG B 51 -5.11 -38.96 7.74
N ARG B 52 -6.03 -38.02 7.55
CA ARG B 52 -6.62 -37.74 6.26
C ARG B 52 -6.54 -36.25 5.98
N VAL B 53 -6.03 -35.89 4.79
CA VAL B 53 -5.91 -34.49 4.40
C VAL B 53 -7.31 -33.95 4.14
N TYR B 54 -7.71 -32.93 4.89
CA TYR B 54 -9.02 -32.31 4.76
C TYR B 54 -8.85 -30.85 4.38
N VAL B 55 -9.53 -30.43 3.32
CA VAL B 55 -9.53 -29.05 2.85
C VAL B 55 -10.92 -28.47 3.09
N THR B 56 -10.97 -27.23 3.57
CA THR B 56 -12.23 -26.56 3.87
C THR B 56 -12.16 -25.13 3.35
N LEU B 57 -13.18 -24.73 2.60
CA LEU B 57 -13.31 -23.35 2.12
C LEU B 57 -14.30 -22.64 3.02
N THR B 58 -13.77 -21.88 3.99
CA THR B 58 -14.58 -21.21 5.00
C THR B 58 -14.64 -19.72 4.69
N CYS B 59 -15.85 -19.16 4.68
CA CYS B 59 -16.05 -17.73 4.49
C CYS B 59 -16.15 -17.09 5.87
N ALA B 60 -14.99 -16.92 6.51
CA ALA B 60 -14.93 -16.40 7.86
C ALA B 60 -15.15 -14.88 7.84
N PHE B 61 -16.21 -14.43 8.49
CA PHE B 61 -16.53 -13.02 8.62
C PHE B 61 -16.01 -12.54 9.98
N ARG B 62 -14.87 -11.85 9.96
CA ARG B 62 -14.26 -11.35 11.19
C ARG B 62 -14.91 -10.03 11.57
N TYR B 63 -15.73 -10.05 12.61
CA TYR B 63 -16.36 -8.84 13.10
C TYR B 63 -15.57 -8.17 14.22
N GLY B 64 -14.55 -8.84 14.75
CA GLY B 64 -13.68 -8.24 15.75
C GLY B 64 -12.22 -8.42 15.36
N ARG B 65 -11.43 -7.40 15.65
CA ARG B 65 -10.01 -7.41 15.30
C ARG B 65 -9.17 -8.03 16.40
N GLU B 66 -9.54 -9.22 16.83
CA GLU B 66 -8.82 -9.93 17.89
C GLU B 66 -9.11 -11.42 17.77
N ASP B 67 -8.07 -12.22 17.57
CA ASP B 67 -8.26 -13.67 17.51
C ASP B 67 -8.86 -14.20 18.80
N CYS B 68 -8.47 -13.60 19.93
CA CYS B 68 -9.01 -13.99 21.23
C CYS B 68 -8.96 -12.78 22.15
N ASP B 69 -9.89 -12.76 23.10
CA ASP B 69 -10.00 -11.63 24.04
C ASP B 69 -9.96 -12.13 25.48
N VAL B 70 -10.19 -11.21 26.43
CA VAL B 70 -10.15 -11.59 27.84
C VAL B 70 -11.24 -12.60 28.16
N LEU B 71 -12.37 -12.53 27.46
CA LEU B 71 -13.47 -13.44 27.70
C LEU B 71 -13.30 -14.78 27.00
N GLY B 72 -12.48 -14.84 25.95
CA GLY B 72 -12.25 -16.06 25.22
C GLY B 72 -13.17 -16.28 24.04
N LEU B 73 -14.13 -15.40 23.81
CA LEU B 73 -15.04 -15.57 22.69
C LEU B 73 -14.32 -15.33 21.37
N THR B 74 -14.59 -16.20 20.40
CA THR B 74 -14.03 -16.04 19.06
C THR B 74 -14.76 -14.94 18.31
N PHE B 75 -14.01 -14.06 17.67
CA PHE B 75 -14.58 -12.90 16.98
C PHE B 75 -14.59 -13.12 15.46
N ARG B 76 -14.84 -14.35 15.05
CA ARG B 76 -14.94 -14.67 13.63
C ARG B 76 -16.05 -15.70 13.44
N LYS B 77 -16.96 -15.43 12.51
CA LYS B 77 -18.09 -16.30 12.22
C LYS B 77 -17.96 -16.85 10.81
N ASP B 78 -18.08 -18.17 10.68
CA ASP B 78 -17.99 -18.84 9.39
C ASP B 78 -19.37 -18.81 8.73
N LEU B 79 -19.57 -17.84 7.83
CA LEU B 79 -20.85 -17.72 7.15
C LEU B 79 -21.11 -18.91 6.25
N PHE B 80 -20.10 -19.33 5.49
CA PHE B 80 -20.22 -20.47 4.58
C PHE B 80 -18.96 -21.31 4.72
N VAL B 81 -19.09 -22.50 5.28
CA VAL B 81 -17.98 -23.43 5.48
C VAL B 81 -18.35 -24.75 4.83
N ALA B 82 -17.49 -25.21 3.91
CA ALA B 82 -17.66 -26.48 3.22
C ALA B 82 -16.42 -27.34 3.45
N ASN B 83 -16.63 -28.62 3.75
CA ASN B 83 -15.55 -29.55 4.03
C ASN B 83 -15.65 -30.71 3.06
N VAL B 84 -14.62 -30.87 2.23
CA VAL B 84 -14.54 -31.96 1.26
C VAL B 84 -13.29 -32.78 1.56
N GLN B 85 -13.44 -34.10 1.51
CA GLN B 85 -12.33 -35.01 1.79
C GLN B 85 -11.36 -34.99 0.62
N SER B 86 -10.17 -34.40 0.83
CA SER B 86 -9.18 -34.33 -0.24
C SER B 86 -8.48 -35.67 -0.43
N PHE B 87 -8.01 -36.28 0.66
CA PHE B 87 -7.30 -37.55 0.61
C PHE B 87 -7.63 -38.33 1.87
N PRO B 88 -8.06 -39.60 1.76
CA PRO B 88 -8.29 -40.36 0.53
C PRO B 88 -9.53 -39.90 -0.22
N PRO B 89 -9.50 -39.92 -1.56
CA PRO B 89 -10.68 -39.50 -2.32
C PRO B 89 -11.90 -40.33 -1.96
N ALA B 90 -13.00 -39.65 -1.64
CA ALA B 90 -14.24 -40.33 -1.29
C ALA B 90 -15.13 -40.46 -2.52
N PRO B 91 -15.75 -41.63 -2.75
CA PRO B 91 -16.62 -41.75 -3.94
C PRO B 91 -17.75 -40.72 -3.95
N GLU B 92 -18.31 -40.39 -2.79
CA GLU B 92 -19.41 -39.42 -2.74
C GLU B 92 -18.92 -38.01 -3.04
N ASP B 93 -17.70 -37.68 -2.63
CA ASP B 93 -17.13 -36.35 -2.85
C ASP B 93 -16.44 -36.22 -4.19
N LYS B 94 -16.47 -37.25 -5.03
CA LYS B 94 -15.83 -37.18 -6.33
C LYS B 94 -16.51 -36.14 -7.20
N LYS B 95 -15.71 -35.31 -7.86
CA LYS B 95 -16.18 -34.24 -8.72
C LYS B 95 -15.45 -34.32 -10.06
N PRO B 96 -16.05 -33.78 -11.13
CA PRO B 96 -15.37 -33.79 -12.43
C PRO B 96 -14.20 -32.80 -12.42
N LEU B 97 -13.00 -33.34 -12.59
CA LEU B 97 -11.81 -32.50 -12.55
C LEU B 97 -11.80 -31.51 -13.71
N THR B 98 -11.57 -30.24 -13.38
CA THR B 98 -11.52 -29.21 -14.39
C THR B 98 -10.18 -29.27 -15.14
N ARG B 99 -10.08 -28.46 -16.21
CA ARG B 99 -8.85 -28.41 -16.97
C ARG B 99 -7.68 -27.97 -16.10
N LEU B 100 -7.94 -27.08 -15.14
CA LEU B 100 -6.88 -26.64 -14.24
C LEU B 100 -6.45 -27.77 -13.31
N GLN B 101 -7.41 -28.47 -12.72
CA GLN B 101 -7.09 -29.57 -11.81
C GLN B 101 -6.40 -30.71 -12.56
N GLU B 102 -6.90 -31.06 -13.74
CA GLU B 102 -6.32 -32.17 -14.49
C GLU B 102 -4.87 -31.89 -14.86
N ARG B 103 -4.57 -30.65 -15.25
CA ARG B 103 -3.19 -30.30 -15.60
C ARG B 103 -2.29 -30.35 -14.37
N LEU B 104 -2.79 -29.90 -13.22
CA LEU B 104 -1.98 -29.91 -12.01
C LEU B 104 -1.65 -31.34 -11.57
N ILE B 105 -2.64 -32.24 -11.63
CA ILE B 105 -2.40 -33.62 -11.21
C ILE B 105 -1.37 -34.27 -12.12
N LYS B 106 -1.39 -33.93 -13.41
CA LYS B 106 -0.42 -34.50 -14.34
C LYS B 106 0.99 -34.04 -13.99
N LYS B 107 1.17 -32.75 -13.71
CA LYS B 107 2.49 -32.23 -13.37
C LYS B 107 2.96 -32.77 -12.02
N LEU B 108 2.06 -32.77 -11.03
CA LEU B 108 2.45 -33.23 -9.69
C LEU B 108 2.53 -34.74 -9.62
N GLY B 109 1.56 -35.43 -10.20
CA GLY B 109 1.53 -36.89 -10.21
C GLY B 109 0.47 -37.43 -9.28
N GLU B 110 0.55 -38.75 -9.05
CA GLU B 110 -0.42 -39.41 -8.18
C GLU B 110 -0.36 -38.89 -6.76
N HIS B 111 0.78 -38.35 -6.34
CA HIS B 111 0.91 -37.82 -4.99
C HIS B 111 -0.10 -36.71 -4.72
N ALA B 112 -0.52 -36.00 -5.75
CA ALA B 112 -1.47 -34.90 -5.62
C ALA B 112 -2.89 -35.42 -5.78
N TYR B 113 -3.81 -34.87 -4.98
CA TYR B 113 -5.22 -35.24 -5.03
C TYR B 113 -6.05 -33.99 -5.24
N PRO B 114 -6.96 -33.96 -6.21
CA PRO B 114 -7.69 -32.71 -6.49
C PRO B 114 -8.84 -32.49 -5.52
N PHE B 115 -9.18 -31.22 -5.33
CA PHE B 115 -10.31 -30.82 -4.50
C PHE B 115 -11.04 -29.68 -5.19
N THR B 116 -12.37 -29.72 -5.18
CA THR B 116 -13.20 -28.73 -5.84
C THR B 116 -14.24 -28.21 -4.87
N PHE B 117 -14.65 -26.95 -5.08
CA PHE B 117 -15.65 -26.31 -4.24
C PHE B 117 -16.61 -25.53 -5.14
N GLU B 118 -17.81 -25.30 -4.62
CA GLU B 118 -18.85 -24.56 -5.33
C GLU B 118 -19.48 -23.57 -4.35
N ILE B 119 -19.04 -22.31 -4.41
CA ILE B 119 -19.55 -21.28 -3.52
C ILE B 119 -21.00 -20.99 -3.89
N PRO B 120 -21.96 -21.21 -2.99
CA PRO B 120 -23.35 -20.91 -3.34
C PRO B 120 -23.52 -19.44 -3.66
N PRO B 121 -24.52 -19.10 -4.46
CA PRO B 121 -24.74 -17.68 -4.81
C PRO B 121 -25.37 -16.93 -3.66
N ASN B 122 -25.47 -15.61 -3.84
CA ASN B 122 -26.08 -14.72 -2.86
C ASN B 122 -25.29 -14.70 -1.55
N LEU B 123 -23.97 -14.75 -1.66
CA LEU B 123 -23.07 -14.71 -0.52
C LEU B 123 -22.25 -13.43 -0.53
N PRO B 124 -21.71 -13.02 0.61
CA PRO B 124 -20.94 -11.78 0.65
C PRO B 124 -19.60 -11.92 -0.07
N CYS B 125 -19.21 -10.86 -0.77
CA CYS B 125 -17.94 -10.84 -1.47
C CYS B 125 -16.81 -10.55 -0.50
N SER B 126 -15.58 -10.56 -1.00
CA SER B 126 -14.39 -10.30 -0.19
C SER B 126 -14.33 -8.82 0.12
N VAL B 127 -14.78 -8.43 1.32
CA VAL B 127 -14.76 -7.05 1.77
C VAL B 127 -14.06 -7.01 3.12
N THR B 128 -13.25 -5.97 3.33
CA THR B 128 -12.46 -5.82 4.54
C THR B 128 -12.76 -4.46 5.16
N LEU B 129 -13.12 -4.47 6.44
CA LEU B 129 -13.35 -3.23 7.17
C LEU B 129 -12.01 -2.54 7.44
N GLN B 130 -11.89 -1.31 6.96
CA GLN B 130 -10.63 -0.56 7.06
C GLN B 130 -10.22 -0.40 8.53
N PRO B 131 -9.11 -0.99 8.95
CA PRO B 131 -8.65 -0.76 10.33
C PRO B 131 -7.88 0.55 10.43
N GLY B 132 -8.20 1.34 11.46
CA GLY B 132 -7.57 2.61 11.66
C GLY B 132 -6.06 2.49 11.77
N PRO B 133 -5.36 3.63 11.66
CA PRO B 133 -3.89 3.58 11.76
C PRO B 133 -3.41 3.08 13.10
N GLU B 134 -4.11 3.41 14.19
CA GLU B 134 -3.74 2.95 15.51
C GLU B 134 -4.20 1.53 15.79
N ASP B 135 -5.17 1.03 15.02
CA ASP B 135 -5.65 -0.33 15.24
C ASP B 135 -4.54 -1.34 15.05
N THR B 136 -4.56 -2.39 15.87
CA THR B 136 -3.56 -3.46 15.81
C THR B 136 -4.28 -4.79 15.87
N GLY B 137 -4.14 -5.59 14.80
CA GLY B 137 -4.77 -6.88 14.73
C GLY B 137 -5.21 -7.24 13.32
N LYS B 138 -5.87 -8.39 13.18
CA LYS B 138 -6.34 -8.82 11.87
C LYS B 138 -7.51 -7.96 11.42
N ALA B 139 -7.47 -7.54 10.15
CA ALA B 139 -8.51 -6.69 9.61
C ALA B 139 -9.85 -7.43 9.59
N CYS B 140 -10.91 -6.70 9.92
CA CYS B 140 -12.25 -7.27 9.93
C CYS B 140 -12.79 -7.39 8.51
N GLY B 141 -13.93 -8.07 8.39
CA GLY B 141 -14.60 -8.25 7.12
C GLY B 141 -14.62 -9.71 6.69
N VAL B 142 -15.32 -9.94 5.59
CA VAL B 142 -15.44 -11.28 5.01
C VAL B 142 -14.17 -11.59 4.24
N ASP B 143 -13.67 -12.81 4.38
CA ASP B 143 -12.47 -13.25 3.67
C ASP B 143 -12.56 -14.76 3.45
N TYR B 144 -12.34 -15.17 2.20
CA TYR B 144 -12.35 -16.59 1.88
C TYR B 144 -10.95 -17.18 2.03
N GLU B 145 -10.88 -18.42 2.51
CA GLU B 145 -9.60 -19.08 2.73
C GLU B 145 -9.80 -20.59 2.64
N VAL B 146 -8.91 -21.25 1.93
CA VAL B 146 -8.97 -22.71 1.76
C VAL B 146 -7.96 -23.31 2.74
N LYS B 147 -8.45 -23.64 3.94
CA LYS B 147 -7.59 -24.21 4.98
C LYS B 147 -7.43 -25.71 4.72
N ALA B 148 -6.24 -26.11 4.28
CA ALA B 148 -5.91 -27.51 4.06
C ALA B 148 -5.13 -28.02 5.26
N PHE B 149 -5.74 -28.92 6.02
CA PHE B 149 -5.15 -29.46 7.24
C PHE B 149 -5.14 -30.99 7.18
N CYS B 150 -4.68 -31.60 8.27
CA CYS B 150 -4.55 -33.05 8.37
C CYS B 150 -5.10 -33.50 9.71
N ALA B 151 -6.15 -34.32 9.68
CA ALA B 151 -6.76 -34.82 10.90
C ALA B 151 -7.60 -36.04 10.57
N GLU B 152 -7.69 -36.96 11.54
CA GLU B 152 -8.49 -38.16 11.34
C GLU B 152 -9.95 -37.82 11.13
N ASN B 153 -10.43 -36.75 11.76
CA ASN B 153 -11.79 -36.30 11.62
C ASN B 153 -11.83 -34.78 11.53
N LEU B 154 -12.98 -34.25 11.14
CA LEU B 154 -13.11 -32.80 10.96
C LEU B 154 -13.11 -32.07 12.30
N GLU B 155 -13.75 -32.66 13.31
CA GLU B 155 -13.85 -32.01 14.62
C GLU B 155 -12.54 -31.99 15.38
N GLU B 156 -11.53 -32.73 14.93
CA GLU B 156 -10.24 -32.72 15.62
C GLU B 156 -9.56 -31.37 15.47
N LYS B 157 -8.80 -30.99 16.50
CA LYS B 157 -8.10 -29.72 16.49
C LYS B 157 -7.21 -29.60 15.26
N ILE B 158 -7.35 -28.48 14.55
CA ILE B 158 -6.59 -28.25 13.33
C ILE B 158 -5.24 -27.66 13.72
N HIS B 159 -4.19 -28.48 13.67
CA HIS B 159 -2.85 -28.00 13.99
C HIS B 159 -2.39 -26.99 12.95
N LYS B 160 -1.89 -25.85 13.42
CA LYS B 160 -1.42 -24.81 12.50
C LYS B 160 -0.19 -25.26 11.72
N ARG B 161 0.59 -26.19 12.29
CA ARG B 161 1.78 -26.65 11.59
C ARG B 161 1.43 -27.38 10.30
N ASN B 162 0.25 -28.03 10.27
CA ASN B 162 -0.19 -28.76 9.09
C ASN B 162 -1.21 -27.99 8.27
N SER B 163 -1.73 -26.88 8.77
CA SER B 163 -2.74 -26.12 8.05
C SER B 163 -2.11 -25.27 6.96
N VAL B 164 -2.92 -24.96 5.95
CA VAL B 164 -2.50 -24.09 4.86
C VAL B 164 -3.59 -23.04 4.64
N ARG B 165 -3.41 -21.87 5.24
CA ARG B 165 -4.41 -20.80 5.17
C ARG B 165 -4.04 -19.88 4.00
N LEU B 166 -4.46 -20.27 2.80
CA LEU B 166 -4.24 -19.49 1.59
C LEU B 166 -5.47 -18.63 1.37
N VAL B 167 -5.43 -17.40 1.89
CA VAL B 167 -6.59 -16.51 1.80
C VAL B 167 -6.80 -16.12 0.35
N ILE B 168 -8.06 -16.17 -0.09
CA ILE B 168 -8.44 -15.77 -1.44
C ILE B 168 -9.49 -14.67 -1.35
N GLU B 169 -9.91 -14.13 -2.49
CA GLU B 169 -10.89 -13.06 -2.54
C GLU B 169 -11.94 -13.37 -3.59
N LYS B 170 -13.21 -13.25 -3.21
CA LYS B 170 -14.34 -13.45 -4.11
C LYS B 170 -14.78 -12.07 -4.60
N VAL B 171 -14.17 -11.62 -5.69
CA VAL B 171 -14.40 -10.28 -6.23
C VAL B 171 -15.52 -10.34 -7.26
N GLN B 172 -16.32 -9.29 -7.32
CA GLN B 172 -17.43 -9.16 -8.27
C GLN B 172 -17.18 -7.95 -9.15
N TYR B 173 -17.02 -8.18 -10.44
CA TYR B 173 -16.74 -7.11 -11.39
C TYR B 173 -18.05 -6.55 -11.96
N ALA B 174 -17.93 -5.57 -12.85
CA ALA B 174 -19.09 -4.91 -13.41
C ALA B 174 -19.75 -5.79 -14.47
N PRO B 175 -21.05 -5.59 -14.71
CA PRO B 175 -21.73 -6.39 -15.73
C PRO B 175 -21.50 -5.85 -17.13
N GLU B 176 -21.58 -6.76 -18.11
CA GLU B 176 -21.39 -6.36 -19.49
C GLU B 176 -22.47 -5.38 -19.96
N ARG B 177 -23.68 -5.56 -19.47
CA ARG B 177 -24.78 -4.68 -19.85
C ARG B 177 -24.79 -3.43 -18.97
N PRO B 178 -24.95 -2.24 -19.54
CA PRO B 178 -25.01 -1.03 -18.70
C PRO B 178 -26.35 -0.91 -18.00
N GLY B 179 -26.31 -0.38 -16.79
CA GLY B 179 -27.52 -0.20 -16.00
C GLY B 179 -28.29 1.04 -16.41
N PRO B 180 -29.49 1.16 -15.86
CA PRO B 180 -30.32 2.32 -16.19
C PRO B 180 -29.78 3.59 -15.57
N GLN B 181 -30.02 4.71 -16.25
CA GLN B 181 -29.56 6.00 -15.78
C GLN B 181 -30.19 6.33 -14.42
N PRO B 182 -29.41 6.42 -13.34
CA PRO B 182 -30.01 6.75 -12.04
C PRO B 182 -30.72 8.09 -12.07
N THR B 183 -31.97 8.09 -11.62
CA THR B 183 -32.78 9.30 -11.58
C THR B 183 -33.66 9.28 -10.35
N ALA B 184 -33.69 10.39 -9.62
CA ALA B 184 -34.51 10.51 -8.42
C ALA B 184 -34.87 11.98 -8.21
N GLU B 185 -36.13 12.23 -7.88
CA GLU B 185 -36.65 13.57 -7.67
C GLU B 185 -37.41 13.61 -6.36
N THR B 186 -37.05 14.54 -5.49
CA THR B 186 -37.69 14.71 -4.19
C THR B 186 -38.21 16.14 -4.10
N THR B 187 -39.50 16.29 -3.85
CA THR B 187 -40.16 17.59 -3.76
C THR B 187 -40.63 17.80 -2.31
N ARG B 188 -40.18 18.88 -1.70
CA ARG B 188 -40.55 19.23 -0.33
C ARG B 188 -41.36 20.52 -0.34
N GLN B 189 -42.52 20.49 0.31
CA GLN B 189 -43.42 21.64 0.37
C GLN B 189 -43.44 22.14 1.82
N PHE B 190 -42.92 23.34 2.03
CA PHE B 190 -42.90 23.94 3.36
C PHE B 190 -44.27 24.48 3.72
N LEU B 191 -44.60 24.39 5.02
CA LEU B 191 -45.90 24.87 5.48
C LEU B 191 -46.04 26.37 5.23
N MET B 192 -45.05 27.16 5.65
CA MET B 192 -45.12 28.61 5.45
C MET B 192 -45.04 28.96 3.97
N SER B 193 -44.07 28.39 3.26
CA SER B 193 -43.93 28.69 1.84
C SER B 193 -45.11 28.14 1.04
N ASP B 194 -45.47 26.89 1.29
CA ASP B 194 -46.59 26.24 0.60
C ASP B 194 -46.34 26.17 -0.91
N LYS B 195 -45.10 25.89 -1.28
CA LYS B 195 -44.69 25.77 -2.67
C LYS B 195 -43.70 24.62 -2.80
N PRO B 196 -43.59 24.03 -3.98
CA PRO B 196 -42.69 22.88 -4.13
C PRO B 196 -41.24 23.30 -4.33
N LEU B 197 -40.34 22.40 -3.97
CA LEU B 197 -38.90 22.58 -4.13
C LEU B 197 -38.37 21.34 -4.85
N HIS B 198 -38.35 21.39 -6.18
CA HIS B 198 -37.96 20.23 -6.97
C HIS B 198 -36.44 20.09 -6.99
N LEU B 199 -35.97 18.85 -6.78
CA LEU B 199 -34.54 18.52 -6.82
C LEU B 199 -34.40 17.32 -7.75
N GLU B 200 -34.25 17.59 -9.05
CA GLU B 200 -34.18 16.54 -10.06
C GLU B 200 -32.71 16.24 -10.38
N ALA B 201 -32.02 15.71 -9.38
CA ALA B 201 -30.64 15.29 -9.57
C ALA B 201 -30.60 13.91 -10.21
N SER B 202 -29.58 13.69 -11.03
CA SER B 202 -29.44 12.43 -11.75
C SER B 202 -27.97 12.20 -12.09
N LEU B 203 -27.64 10.96 -12.40
CA LEU B 203 -26.30 10.54 -12.76
C LEU B 203 -26.24 10.22 -14.24
N ASP B 204 -25.04 10.36 -14.82
CA ASP B 204 -24.87 10.07 -16.23
C ASP B 204 -24.94 8.57 -16.51
N LYS B 205 -24.42 7.77 -15.58
CA LYS B 205 -24.48 6.31 -15.70
C LYS B 205 -24.51 5.69 -14.31
N GLU B 206 -24.95 4.44 -14.25
CA GLU B 206 -25.07 3.74 -12.97
C GLU B 206 -23.81 2.98 -12.59
N ILE B 207 -23.07 2.45 -13.55
CA ILE B 207 -21.87 1.67 -13.29
C ILE B 207 -20.67 2.59 -13.42
N TYR B 208 -19.96 2.80 -12.30
CA TYR B 208 -18.78 3.64 -12.26
C TYR B 208 -17.58 2.80 -11.85
N TYR B 209 -16.50 2.90 -12.62
CA TYR B 209 -15.28 2.21 -12.27
C TYR B 209 -14.56 2.94 -11.13
N HIS B 210 -13.89 2.16 -10.29
CA HIS B 210 -13.18 2.73 -9.15
C HIS B 210 -12.16 3.77 -9.63
N GLY B 211 -12.21 4.95 -9.03
CA GLY B 211 -11.36 6.06 -9.44
C GLY B 211 -11.93 6.89 -10.56
N GLU B 212 -13.02 6.46 -11.20
CA GLU B 212 -13.60 7.23 -12.28
C GLU B 212 -14.47 8.34 -11.70
N PRO B 213 -14.43 9.55 -12.27
CA PRO B 213 -15.22 10.64 -11.70
C PRO B 213 -16.72 10.44 -11.90
N ILE B 214 -17.49 10.86 -10.92
CA ILE B 214 -18.95 10.78 -10.96
C ILE B 214 -19.51 12.17 -11.21
N SER B 215 -20.34 12.29 -12.25
CA SER B 215 -20.96 13.55 -12.62
C SER B 215 -22.41 13.54 -12.18
N VAL B 216 -22.74 14.34 -11.18
CA VAL B 216 -24.10 14.46 -10.66
C VAL B 216 -24.72 15.73 -11.23
N ASN B 217 -25.72 15.56 -12.08
CA ASN B 217 -26.40 16.69 -12.73
C ASN B 217 -27.52 17.16 -11.80
N VAL B 218 -27.13 17.97 -10.82
CA VAL B 218 -28.11 18.51 -9.86
C VAL B 218 -28.89 19.62 -10.55
N HIS B 219 -30.20 19.43 -10.66
CA HIS B 219 -31.10 20.39 -11.30
C HIS B 219 -32.15 20.80 -10.26
N VAL B 220 -31.88 21.91 -9.57
CA VAL B 220 -32.77 22.41 -8.53
C VAL B 220 -33.69 23.46 -9.13
N THR B 221 -34.96 23.40 -8.76
CA THR B 221 -35.97 24.37 -9.19
C THR B 221 -36.69 24.84 -7.91
N ASN B 222 -36.13 25.88 -7.29
CA ASN B 222 -36.65 26.37 -6.02
C ASN B 222 -37.67 27.47 -6.28
N ASN B 223 -38.95 27.14 -6.07
CA ASN B 223 -40.03 28.11 -6.20
C ASN B 223 -40.49 28.66 -4.87
N THR B 224 -39.99 28.13 -3.75
CA THR B 224 -40.38 28.60 -2.44
C THR B 224 -39.64 29.88 -2.08
N ASN B 225 -40.22 30.65 -1.15
CA ASN B 225 -39.58 31.88 -0.70
C ASN B 225 -38.22 31.61 -0.07
N LYS B 226 -38.06 30.47 0.60
CA LYS B 226 -36.79 30.13 1.20
C LYS B 226 -35.76 29.79 0.13
N THR B 227 -34.50 30.11 0.42
CA THR B 227 -33.39 29.87 -0.50
C THR B 227 -32.43 28.87 0.11
N VAL B 228 -31.76 28.11 -0.77
CA VAL B 228 -30.78 27.13 -0.33
C VAL B 228 -29.45 27.84 -0.09
N LYS B 229 -28.83 27.56 1.06
CA LYS B 229 -27.57 28.20 1.40
C LYS B 229 -26.37 27.49 0.77
N LYS B 230 -26.37 26.16 0.80
CA LYS B 230 -25.26 25.37 0.27
C LYS B 230 -25.80 24.12 -0.38
N ILE B 231 -24.99 23.54 -1.26
CA ILE B 231 -25.30 22.28 -1.94
C ILE B 231 -24.25 21.27 -1.51
N LYS B 232 -24.67 20.25 -0.77
CA LYS B 232 -23.77 19.25 -0.21
C LYS B 232 -24.06 17.91 -0.89
N ILE B 233 -23.08 17.41 -1.65
CA ILE B 233 -23.16 16.11 -2.30
C ILE B 233 -22.20 15.17 -1.60
N SER B 234 -22.75 14.12 -0.98
CA SER B 234 -21.97 13.16 -0.23
C SER B 234 -22.17 11.77 -0.83
N VAL B 235 -21.06 11.09 -1.14
CA VAL B 235 -21.13 9.72 -1.68
C VAL B 235 -21.13 8.80 -0.47
N ARG B 236 -22.33 8.54 0.05
CA ARG B 236 -22.49 7.72 1.24
C ARG B 236 -22.38 6.25 0.89
N GLN B 237 -21.47 5.55 1.57
CA GLN B 237 -21.30 4.11 1.41
C GLN B 237 -22.07 3.40 2.52
N TYR B 238 -23.08 2.63 2.14
CA TYR B 238 -23.94 1.93 3.08
C TYR B 238 -23.54 0.47 3.12
N ALA B 239 -23.04 0.03 4.28
CA ALA B 239 -22.66 -1.37 4.49
C ALA B 239 -23.79 -2.10 5.18
N ASP B 240 -24.54 -2.91 4.42
CA ASP B 240 -25.66 -3.67 4.96
C ASP B 240 -25.13 -4.93 5.61
N ILE B 241 -24.73 -4.79 6.88
CA ILE B 241 -24.18 -5.91 7.64
C ILE B 241 -25.34 -6.61 8.34
N CYS B 242 -25.56 -7.88 8.00
CA CYS B 242 -26.64 -8.69 8.54
C CYS B 242 -26.11 -9.94 9.22
N LEU B 243 -25.00 -9.79 9.96
CA LEU B 243 -24.44 -10.94 10.67
C LEU B 243 -25.36 -11.38 11.79
N PHE B 244 -25.64 -10.50 12.75
CA PHE B 244 -26.57 -10.76 13.84
C PHE B 244 -27.83 -9.93 13.77
N ASN B 245 -27.70 -8.63 13.47
CA ASN B 245 -28.83 -7.73 13.34
C ASN B 245 -28.59 -6.81 12.15
N THR B 246 -29.57 -6.75 11.24
CA THR B 246 -29.43 -5.91 10.06
C THR B 246 -29.18 -4.46 10.47
N ALA B 247 -28.09 -3.89 9.95
CA ALA B 247 -27.73 -2.51 10.26
C ALA B 247 -26.99 -1.92 9.06
N GLN B 248 -27.42 -0.74 8.65
CA GLN B 248 -26.82 -0.04 7.50
C GLN B 248 -25.87 1.02 8.04
N TYR B 249 -24.57 0.72 8.01
CA TYR B 249 -23.55 1.64 8.48
C TYR B 249 -23.15 2.57 7.34
N LYS B 250 -23.32 3.87 7.56
CA LYS B 250 -23.03 4.88 6.54
C LYS B 250 -21.65 5.49 6.79
N CYS B 251 -20.91 5.71 5.71
CA CYS B 251 -19.57 6.29 5.78
C CYS B 251 -19.40 7.20 4.56
N PRO B 252 -19.18 8.50 4.76
CA PRO B 252 -18.99 9.41 3.62
C PRO B 252 -17.58 9.30 3.05
N VAL B 253 -17.48 8.82 1.81
CA VAL B 253 -16.17 8.66 1.16
C VAL B 253 -15.78 9.88 0.33
N ALA B 254 -16.73 10.75 -0.01
CA ALA B 254 -16.43 11.93 -0.82
C ALA B 254 -17.54 12.94 -0.60
N MET B 255 -17.19 14.11 -0.05
CA MET B 255 -18.14 15.17 0.25
C MET B 255 -17.76 16.43 -0.52
N GLU B 256 -18.74 17.06 -1.15
CA GLU B 256 -18.55 18.31 -1.88
C GLU B 256 -19.58 19.31 -1.41
N GLU B 257 -19.14 20.33 -0.66
CA GLU B 257 -20.01 21.35 -0.11
C GLU B 257 -19.76 22.65 -0.87
N ALA B 258 -20.54 22.85 -1.94
CA ALA B 258 -20.44 24.04 -2.76
C ALA B 258 -21.30 25.16 -2.18
N ASP B 259 -20.77 26.38 -2.19
CA ASP B 259 -21.48 27.55 -1.68
C ASP B 259 -22.30 28.20 -2.80
N ASP B 260 -23.19 27.41 -3.38
CA ASP B 260 -24.04 27.84 -4.48
C ASP B 260 -25.44 28.12 -3.93
N THR B 261 -25.89 29.37 -4.07
CA THR B 261 -27.20 29.79 -3.60
C THR B 261 -28.16 29.90 -4.77
N VAL B 262 -29.41 29.46 -4.56
CA VAL B 262 -30.44 29.49 -5.57
C VAL B 262 -31.52 30.44 -5.07
N ALA B 263 -31.61 31.62 -5.69
CA ALA B 263 -32.59 32.60 -5.29
C ALA B 263 -34.01 32.02 -5.44
N PRO B 264 -34.98 32.53 -4.68
CA PRO B 264 -36.34 32.01 -4.79
C PRO B 264 -36.93 32.27 -6.17
N SER B 265 -37.75 31.32 -6.62
CA SER B 265 -38.39 31.43 -7.94
C SER B 265 -37.36 31.44 -9.05
N SER B 266 -36.32 30.63 -8.91
CA SER B 266 -35.25 30.53 -9.90
C SER B 266 -34.84 29.07 -10.05
N THR B 267 -34.30 28.75 -11.21
CA THR B 267 -33.83 27.41 -11.51
C THR B 267 -32.32 27.31 -11.35
N PHE B 268 -31.83 26.08 -11.23
CA PHE B 268 -30.41 25.82 -11.07
C PHE B 268 -30.05 24.54 -11.82
N CYS B 269 -28.81 24.51 -12.30
CA CYS B 269 -28.32 23.33 -13.04
C CYS B 269 -26.80 23.34 -12.97
N LYS B 270 -26.23 22.35 -12.27
CA LYS B 270 -24.79 22.25 -12.11
C LYS B 270 -24.40 20.78 -12.15
N VAL B 271 -23.34 20.48 -12.89
CA VAL B 271 -22.83 19.12 -13.02
C VAL B 271 -21.64 19.02 -12.09
N TYR B 272 -21.89 18.52 -10.88
CA TYR B 272 -20.83 18.38 -9.88
C TYR B 272 -20.02 17.12 -10.16
N THR B 273 -18.71 17.28 -10.25
CA THR B 273 -17.79 16.18 -10.53
C THR B 273 -17.15 15.72 -9.22
N LEU B 274 -17.39 14.47 -8.86
CA LEU B 274 -16.82 13.87 -7.66
C LEU B 274 -16.05 12.61 -8.04
N THR B 275 -15.26 12.12 -7.10
CA THR B 275 -14.45 10.92 -7.33
C THR B 275 -14.23 10.19 -6.00
N PRO B 276 -14.85 9.03 -5.79
CA PRO B 276 -14.59 8.28 -4.56
C PRO B 276 -13.20 7.66 -4.54
N PHE B 277 -12.31 8.21 -3.71
CA PHE B 277 -10.96 7.71 -3.57
C PHE B 277 -10.66 7.46 -2.10
N LEU B 278 -9.63 6.65 -1.86
CA LEU B 278 -9.27 6.23 -0.51
C LEU B 278 -8.18 7.08 0.12
N ALA B 279 -7.42 7.85 -0.67
CA ALA B 279 -6.30 8.60 -0.14
C ALA B 279 -6.74 9.47 1.05
N ASN B 280 -7.93 10.08 0.95
CA ASN B 280 -8.44 10.91 2.03
C ASN B 280 -9.30 10.14 3.02
N ASN B 281 -9.83 8.98 2.61
CA ASN B 281 -10.70 8.20 3.47
C ASN B 281 -9.95 7.20 4.34
N ARG B 282 -8.62 7.18 4.29
CA ARG B 282 -7.87 6.25 5.14
C ARG B 282 -8.06 6.56 6.62
N GLU B 283 -8.32 7.83 6.96
CA GLU B 283 -8.57 8.18 8.34
C GLU B 283 -9.92 7.67 8.82
N LYS B 284 -10.87 7.47 7.89
CA LYS B 284 -12.19 6.98 8.27
C LYS B 284 -12.08 5.59 8.87
N ARG B 285 -12.76 5.39 10.00
CA ARG B 285 -12.78 4.11 10.69
C ARG B 285 -14.07 3.37 10.37
N GLY B 286 -13.94 2.06 10.12
CA GLY B 286 -15.08 1.24 9.77
C GLY B 286 -15.42 1.23 8.30
N LEU B 287 -14.67 1.94 7.46
CA LEU B 287 -14.95 1.97 6.04
C LEU B 287 -14.72 0.59 5.43
N ALA B 288 -15.61 0.20 4.52
CA ALA B 288 -15.53 -1.10 3.86
C ALA B 288 -14.66 -1.00 2.62
N LEU B 289 -13.54 -1.69 2.62
CA LEU B 289 -12.63 -1.73 1.48
C LEU B 289 -12.71 -3.08 0.78
N ASP B 290 -12.24 -3.11 -0.46
CA ASP B 290 -12.23 -4.35 -1.23
C ASP B 290 -11.28 -5.36 -0.60
N GLY B 291 -11.68 -6.62 -0.63
CA GLY B 291 -10.87 -7.68 -0.04
C GLY B 291 -9.77 -8.16 -0.97
N LYS B 292 -8.53 -7.76 -0.68
CA LYS B 292 -7.37 -8.14 -1.47
C LYS B 292 -6.32 -8.77 -0.56
N LEU B 293 -5.25 -9.26 -1.18
CA LEU B 293 -4.18 -9.88 -0.42
C LEU B 293 -3.37 -8.82 0.32
N LYS B 294 -2.58 -9.29 1.30
CA LYS B 294 -1.75 -8.38 2.08
C LYS B 294 -0.76 -7.63 1.19
N HIS B 295 -0.29 -8.27 0.12
CA HIS B 295 0.66 -7.60 -0.77
C HIS B 295 -0.05 -6.59 -1.66
N GLU B 296 -1.19 -6.98 -2.24
CA GLU B 296 -1.93 -6.09 -3.12
C GLU B 296 -2.59 -4.97 -2.32
N ASP B 297 -2.72 -3.82 -2.96
CA ASP B 297 -3.33 -2.66 -2.31
C ASP B 297 -4.85 -2.81 -2.29
N THR B 298 -5.44 -2.49 -1.15
CA THR B 298 -6.89 -2.60 -0.96
C THR B 298 -7.55 -1.28 -1.34
N ASN B 299 -8.50 -1.35 -2.27
CA ASN B 299 -9.26 -0.19 -2.71
C ASN B 299 -10.65 -0.21 -2.09
N LEU B 300 -11.48 0.75 -2.48
CA LEU B 300 -12.84 0.82 -1.97
C LEU B 300 -13.59 -0.46 -2.29
N ALA B 301 -14.44 -0.88 -1.35
CA ALA B 301 -15.20 -2.10 -1.53
C ALA B 301 -16.09 -2.02 -2.76
N SER B 302 -16.03 -3.05 -3.60
CA SER B 302 -16.85 -3.08 -4.80
C SER B 302 -18.31 -3.33 -4.45
N SER B 303 -19.21 -2.66 -5.17
CA SER B 303 -20.63 -2.82 -4.93
C SER B 303 -21.07 -4.24 -5.22
N THR B 304 -21.66 -4.89 -4.23
CA THR B 304 -22.11 -6.28 -4.36
C THR B 304 -23.40 -6.31 -5.17
N LEU B 305 -23.37 -7.00 -6.31
CA LEU B 305 -24.55 -7.17 -7.16
C LEU B 305 -25.36 -8.33 -6.63
N LEU B 306 -26.42 -8.02 -5.89
CA LEU B 306 -27.26 -9.05 -5.32
C LEU B 306 -28.22 -9.61 -6.37
N ARG B 307 -28.67 -10.84 -6.15
CA ARG B 307 -29.58 -11.49 -7.08
C ARG B 307 -30.96 -10.83 -7.00
N GLU B 308 -31.52 -10.50 -8.16
CA GLU B 308 -32.83 -9.87 -8.21
C GLU B 308 -33.90 -10.85 -7.73
N GLY B 309 -34.82 -10.36 -6.91
CA GLY B 309 -35.87 -11.21 -6.37
C GLY B 309 -35.37 -12.28 -5.43
N ALA B 310 -34.44 -11.94 -4.55
CA ALA B 310 -33.88 -12.87 -3.58
C ALA B 310 -33.98 -12.28 -2.19
N ASN B 311 -33.47 -13.01 -1.20
CA ASN B 311 -33.50 -12.53 0.18
C ASN B 311 -32.77 -11.21 0.31
N ARG B 312 -33.41 -10.23 0.95
CA ARG B 312 -32.81 -8.91 1.11
C ARG B 312 -31.71 -8.93 2.17
N GLU B 313 -31.82 -9.79 3.18
CA GLU B 313 -30.84 -9.88 4.25
C GLU B 313 -29.85 -10.99 3.93
N ILE B 314 -28.56 -10.66 3.92
CA ILE B 314 -27.49 -11.61 3.67
C ILE B 314 -26.37 -11.34 4.65
N LEU B 315 -25.90 -12.39 5.32
CA LEU B 315 -24.79 -12.24 6.26
C LEU B 315 -23.55 -11.75 5.53
N GLY B 316 -22.77 -10.93 6.23
CA GLY B 316 -21.55 -10.38 5.69
C GLY B 316 -21.72 -8.91 5.32
N ILE B 317 -20.69 -8.38 4.68
CA ILE B 317 -20.67 -6.98 4.27
C ILE B 317 -21.25 -6.86 2.87
N ILE B 318 -22.24 -5.98 2.72
CA ILE B 318 -22.86 -5.70 1.42
C ILE B 318 -22.82 -4.19 1.25
N VAL B 319 -21.80 -3.69 0.56
CA VAL B 319 -21.61 -2.26 0.39
C VAL B 319 -22.46 -1.77 -0.77
N SER B 320 -23.04 -0.58 -0.60
CA SER B 320 -23.84 0.05 -1.64
C SER B 320 -23.57 1.55 -1.61
N TYR B 321 -23.21 2.11 -2.76
CA TYR B 321 -22.87 3.52 -2.86
C TYR B 321 -24.05 4.31 -3.39
N LYS B 322 -24.34 5.44 -2.75
CA LYS B 322 -25.42 6.33 -3.17
C LYS B 322 -24.99 7.77 -2.87
N VAL B 323 -25.04 8.62 -3.88
CA VAL B 323 -24.72 10.03 -3.70
C VAL B 323 -25.93 10.73 -3.09
N LYS B 324 -25.72 11.41 -1.97
CA LYS B 324 -26.78 12.08 -1.23
C LYS B 324 -26.73 13.57 -1.54
N VAL B 325 -27.46 13.98 -2.58
CA VAL B 325 -27.55 15.39 -2.94
C VAL B 325 -28.57 16.05 -2.00
N LYS B 326 -28.08 16.83 -1.04
CA LYS B 326 -28.93 17.47 -0.05
C LYS B 326 -28.67 18.97 -0.07
N LEU B 327 -29.76 19.74 0.07
CA LEU B 327 -29.69 21.19 0.09
C LEU B 327 -30.16 21.69 1.46
N VAL B 328 -29.31 22.49 2.12
CA VAL B 328 -29.62 23.04 3.43
C VAL B 328 -30.39 24.34 3.22
N VAL B 329 -31.46 24.52 3.99
CA VAL B 329 -32.31 25.69 3.91
C VAL B 329 -32.53 26.24 5.31
N SER B 330 -33.03 27.48 5.36
CA SER B 330 -33.30 28.14 6.64
C SER B 330 -34.41 27.42 7.40
N SER B 341 -34.37 22.48 8.95
CA SER B 341 -34.69 21.39 8.03
C SER B 341 -33.88 21.51 6.74
N ASP B 342 -33.77 20.42 6.00
CA ASP B 342 -33.04 20.39 4.75
C ASP B 342 -33.60 19.30 3.85
N VAL B 343 -33.45 19.49 2.55
CA VAL B 343 -33.91 18.52 1.56
C VAL B 343 -32.77 17.55 1.26
N ALA B 344 -33.13 16.30 0.97
CA ALA B 344 -32.15 15.27 0.69
C ALA B 344 -32.74 14.26 -0.28
N VAL B 345 -31.91 13.76 -1.19
CA VAL B 345 -32.31 12.73 -2.15
C VAL B 345 -31.10 11.85 -2.42
N GLU B 346 -31.31 10.54 -2.43
CA GLU B 346 -30.24 9.56 -2.59
C GLU B 346 -30.37 8.92 -3.96
N LEU B 347 -29.29 9.01 -4.75
CA LEU B 347 -29.24 8.40 -6.07
C LEU B 347 -28.27 7.22 -6.04
N PRO B 348 -28.75 5.98 -6.07
CA PRO B 348 -27.84 4.84 -5.95
C PRO B 348 -27.07 4.58 -7.24
N PHE B 349 -25.89 4.00 -7.07
CA PHE B 349 -25.03 3.65 -8.20
C PHE B 349 -24.09 2.54 -7.75
N THR B 350 -23.69 1.70 -8.72
CA THR B 350 -22.82 0.56 -8.45
C THR B 350 -21.39 0.93 -8.80
N LEU B 351 -20.49 0.78 -7.82
CA LEU B 351 -19.08 1.10 -7.99
C LEU B 351 -18.27 -0.19 -7.89
N MET B 352 -17.66 -0.59 -9.00
CA MET B 352 -16.83 -1.80 -9.04
C MET B 352 -16.01 -1.77 -10.32
N HIS B 353 -15.05 -2.69 -10.38
CA HIS B 353 -14.15 -2.76 -11.52
C HIS B 353 -14.78 -3.55 -12.66
N PRO B 354 -14.32 -3.32 -13.90
CA PRO B 354 -14.85 -4.09 -15.03
C PRO B 354 -14.16 -5.43 -15.17
N LYS B 355 -14.80 -6.30 -15.94
CA LYS B 355 -14.25 -7.63 -16.20
C LYS B 355 -12.98 -7.50 -17.03
N PRO B 356 -11.82 -7.93 -16.53
CA PRO B 356 -10.60 -7.84 -17.34
C PRO B 356 -10.73 -8.63 -18.64
N LYS B 357 -10.35 -7.99 -19.74
CA LYS B 357 -10.42 -8.64 -21.05
C LYS B 357 -9.34 -9.69 -21.17
N GLU B 358 -9.72 -10.89 -21.62
CA GLU B 358 -8.80 -12.00 -21.80
C GLU B 358 -8.89 -12.52 -23.22
N GLU B 359 -7.76 -12.96 -23.74
CA GLU B 359 -7.69 -13.49 -25.11
C GLU B 359 -6.50 -14.43 -25.26
N VAL C 5 -6.03 9.90 -22.60
CA VAL C 5 -5.60 9.30 -23.86
C VAL C 5 -4.39 10.04 -24.42
N GLN C 6 -4.06 11.18 -23.83
CA GLN C 6 -2.94 11.99 -24.27
C GLN C 6 -2.30 12.67 -23.07
N LEU C 7 -1.00 12.47 -22.90
CA LEU C 7 -0.22 13.08 -21.83
C LEU C 7 0.80 14.02 -22.44
N VAL C 8 0.76 15.29 -22.01
CA VAL C 8 1.67 16.31 -22.49
C VAL C 8 2.42 16.88 -21.30
N GLU C 9 3.75 16.79 -21.33
CA GLU C 9 4.60 17.29 -20.27
C GLU C 9 5.33 18.55 -20.70
N SER C 10 5.63 19.40 -19.73
CA SER C 10 6.32 20.66 -20.00
C SER C 10 7.10 21.05 -18.75
N GLY C 11 7.87 22.14 -18.87
CA GLY C 11 8.67 22.64 -17.78
C GLY C 11 10.08 22.13 -17.72
N GLY C 12 10.55 21.45 -18.77
CA GLY C 12 11.91 20.94 -18.80
C GLY C 12 12.85 21.83 -19.57
N GLY C 13 13.78 22.48 -18.86
CA GLY C 13 14.74 23.37 -19.48
C GLY C 13 16.11 23.23 -18.85
N LEU C 14 17.02 24.08 -19.30
CA LEU C 14 18.38 24.06 -18.79
C LEU C 14 18.42 24.54 -17.34
N VAL C 15 19.01 23.73 -16.47
CA VAL C 15 19.13 24.05 -15.06
C VAL C 15 20.53 23.67 -14.59
N GLN C 16 21.11 24.48 -13.72
CA GLN C 16 22.44 24.20 -13.19
C GLN C 16 22.35 23.26 -11.99
N PRO C 17 23.45 22.59 -11.65
CA PRO C 17 23.43 21.69 -10.49
C PRO C 17 23.01 22.42 -9.23
N GLY C 18 22.15 21.78 -8.45
CA GLY C 18 21.65 22.36 -7.22
C GLY C 18 20.51 23.35 -7.39
N GLY C 19 19.94 23.46 -8.59
CA GLY C 19 18.84 24.37 -8.84
C GLY C 19 17.51 23.75 -8.49
N SER C 20 16.45 24.39 -8.99
CA SER C 20 15.09 23.94 -8.76
C SER C 20 14.31 23.97 -10.07
N LEU C 21 13.36 23.05 -10.20
CA LEU C 21 12.53 22.96 -11.40
C LEU C 21 11.19 22.34 -11.03
N ARG C 22 10.19 22.57 -11.88
CA ARG C 22 8.84 22.07 -11.67
C ARG C 22 8.33 21.53 -13.01
N LEU C 23 8.45 20.22 -13.21
CA LEU C 23 7.99 19.57 -14.43
C LEU C 23 6.50 19.26 -14.30
N SER C 24 5.70 19.80 -15.22
CA SER C 24 4.27 19.61 -15.23
C SER C 24 3.89 18.58 -16.29
N CYS C 25 2.77 17.90 -16.06
CA CYS C 25 2.25 16.90 -16.99
C CYS C 25 0.73 16.96 -16.96
N ALA C 26 0.13 17.44 -18.04
CA ALA C 26 -1.32 17.55 -18.16
C ALA C 26 -1.88 16.31 -18.86
N ALA C 27 -3.01 15.84 -18.37
CA ALA C 27 -3.66 14.65 -18.89
C ALA C 27 -4.95 15.02 -19.62
N SER C 28 -5.32 14.18 -20.59
CA SER C 28 -6.53 14.40 -21.37
C SER C 28 -7.08 13.04 -21.77
N GLY C 29 -8.31 12.74 -21.37
CA GLY C 29 -8.93 11.47 -21.65
C GLY C 29 -8.87 10.46 -20.52
N PHE C 30 -8.34 10.85 -19.36
CA PHE C 30 -8.26 9.96 -18.21
C PHE C 30 -7.95 10.79 -16.97
N ASN C 31 -8.57 10.42 -15.86
CA ASN C 31 -8.38 11.15 -14.61
C ASN C 31 -7.15 10.63 -13.86
N VAL C 32 -6.67 11.46 -12.94
CA VAL C 32 -5.47 11.10 -12.17
C VAL C 32 -5.78 10.09 -11.08
N TYR C 33 -7.04 9.95 -10.67
CA TYR C 33 -7.38 9.00 -9.63
C TYR C 33 -7.47 7.58 -10.16
N SER C 34 -8.13 7.40 -11.31
CA SER C 34 -8.29 6.07 -11.88
C SER C 34 -6.97 5.49 -12.38
N SER C 35 -5.97 6.34 -12.64
CA SER C 35 -4.68 5.88 -13.15
C SER C 35 -3.57 6.68 -12.50
N SER C 36 -2.54 5.98 -12.02
CA SER C 36 -1.41 6.64 -11.39
C SER C 36 -0.44 7.16 -12.45
N ILE C 37 0.08 8.36 -12.21
CA ILE C 37 1.02 9.01 -13.11
C ILE C 37 2.43 8.62 -12.70
N HIS C 38 3.21 8.14 -13.65
CA HIS C 38 4.58 7.73 -13.41
C HIS C 38 5.54 8.59 -14.23
N TRP C 39 6.76 8.73 -13.72
CA TRP C 39 7.81 9.50 -14.38
C TRP C 39 9.02 8.61 -14.57
N VAL C 40 9.47 8.48 -15.81
CA VAL C 40 10.61 7.63 -16.17
C VAL C 40 11.54 8.44 -17.05
N ARG C 41 12.81 8.52 -16.65
CA ARG C 41 13.82 9.27 -17.39
C ARG C 41 14.72 8.31 -18.15
N GLN C 42 15.07 8.68 -19.37
CA GLN C 42 15.95 7.89 -20.24
C GLN C 42 17.11 8.78 -20.67
N ALA C 43 18.29 8.54 -20.09
CA ALA C 43 19.45 9.34 -20.43
C ALA C 43 19.90 9.06 -21.86
N PRO C 44 20.57 10.01 -22.50
CA PRO C 44 21.04 9.77 -23.88
C PRO C 44 22.05 8.63 -23.93
N GLY C 45 21.74 7.62 -24.74
CA GLY C 45 22.60 6.45 -24.82
C GLY C 45 22.52 5.54 -23.62
N LYS C 46 21.37 5.51 -22.94
CA LYS C 46 21.19 4.67 -21.77
C LYS C 46 19.73 4.21 -21.72
N GLY C 47 19.49 3.19 -20.89
CA GLY C 47 18.15 2.64 -20.75
C GLY C 47 17.28 3.50 -19.86
N LEU C 48 16.01 3.08 -19.75
CA LEU C 48 15.05 3.81 -18.94
C LEU C 48 15.36 3.64 -17.46
N GLU C 49 15.03 4.66 -16.68
CA GLU C 49 15.24 4.66 -15.23
C GLU C 49 14.03 5.30 -14.58
N TRP C 50 13.26 4.49 -13.85
CA TRP C 50 12.08 5.02 -13.17
C TRP C 50 12.46 6.10 -12.18
N VAL C 51 11.78 7.23 -12.25
CA VAL C 51 12.09 8.38 -11.40
C VAL C 51 11.20 8.37 -10.17
N ALA C 52 9.88 8.46 -10.38
CA ALA C 52 8.94 8.50 -9.28
C ALA C 52 7.53 8.36 -9.83
N SER C 53 6.61 7.95 -8.96
CA SER C 53 5.21 7.76 -9.34
C SER C 53 4.31 8.35 -8.26
N ILE C 54 3.08 8.68 -8.65
CA ILE C 54 2.09 9.25 -7.75
C ILE C 54 0.78 8.51 -7.94
N SER C 55 0.23 7.99 -6.85
CA SER C 55 -1.05 7.29 -6.85
C SER C 55 -2.06 8.15 -6.09
N SER C 56 -2.83 8.95 -6.82
CA SER C 56 -3.79 9.84 -6.18
C SER C 56 -4.86 9.06 -5.43
N TYR C 57 -5.25 7.90 -5.96
CA TYR C 57 -6.27 7.10 -5.29
C TYR C 57 -5.78 6.62 -3.92
N TYR C 58 -4.47 6.41 -3.77
CA TYR C 58 -3.88 5.96 -2.51
C TYR C 58 -3.01 7.03 -1.86
N GLY C 59 -2.75 8.14 -2.55
CA GLY C 59 -1.88 9.17 -2.00
C GLY C 59 -0.48 8.68 -1.69
N TYR C 60 -0.01 7.67 -2.42
CA TYR C 60 1.32 7.10 -2.21
C TYR C 60 2.31 7.79 -3.13
N THR C 61 3.42 8.25 -2.58
CA THR C 61 4.48 8.92 -3.32
C THR C 61 5.71 8.02 -3.31
N TYR C 62 5.90 7.27 -4.39
CA TYR C 62 7.01 6.35 -4.52
C TYR C 62 8.17 7.02 -5.24
N TYR C 63 9.38 6.82 -4.71
CA TYR C 63 10.60 7.36 -5.32
C TYR C 63 11.64 6.25 -5.39
N ALA C 64 12.59 6.43 -6.31
CA ALA C 64 13.67 5.47 -6.45
C ALA C 64 14.68 5.62 -5.32
N ASP C 65 15.46 4.57 -5.10
CA ASP C 65 16.44 4.57 -4.03
C ASP C 65 17.42 5.73 -4.19
N SER C 66 17.99 5.88 -5.39
CA SER C 66 18.95 6.95 -5.65
C SER C 66 18.28 8.30 -5.87
N VAL C 67 16.99 8.31 -6.24
CA VAL C 67 16.28 9.56 -6.51
C VAL C 67 15.39 10.00 -5.35
N LYS C 68 15.17 9.14 -4.36
CA LYS C 68 14.31 9.50 -3.25
C LYS C 68 14.87 10.70 -2.50
N GLY C 69 13.96 11.52 -1.96
CA GLY C 69 14.36 12.69 -1.19
C GLY C 69 14.49 13.95 -2.03
N ARG C 70 15.38 13.93 -3.01
CA ARG C 70 15.60 15.11 -3.84
C ARG C 70 14.37 15.44 -4.67
N PHE C 71 13.55 14.43 -5.00
CA PHE C 71 12.38 14.62 -5.85
C PHE C 71 11.12 14.62 -5.00
N THR C 72 10.10 15.35 -5.48
CA THR C 72 8.82 15.45 -4.80
C THR C 72 7.73 15.42 -5.87
N ILE C 73 6.95 14.34 -5.90
CA ILE C 73 5.89 14.15 -6.88
C ILE C 73 4.56 14.52 -6.24
N SER C 74 3.72 15.22 -7.01
CA SER C 74 2.40 15.60 -6.54
C SER C 74 1.45 15.59 -7.74
N ALA C 75 0.17 15.77 -7.45
CA ALA C 75 -0.86 15.74 -8.49
C ALA C 75 -2.01 16.66 -8.10
N ASP C 76 -2.43 17.50 -9.03
CA ASP C 76 -3.57 18.39 -8.83
C ASP C 76 -4.82 17.72 -9.40
N THR C 77 -5.78 17.41 -8.54
CA THR C 77 -6.98 16.71 -8.99
C THR C 77 -7.92 17.63 -9.75
N SER C 78 -8.05 18.89 -9.31
CA SER C 78 -8.96 19.82 -9.98
C SER C 78 -8.55 20.01 -11.43
N LYS C 79 -7.26 20.05 -11.72
CA LYS C 79 -6.75 20.23 -13.07
C LYS C 79 -6.23 18.94 -13.68
N ASN C 80 -6.42 17.80 -13.00
CA ASN C 80 -5.94 16.50 -13.47
C ASN C 80 -4.53 16.61 -14.05
N THR C 81 -3.67 17.31 -13.32
CA THR C 81 -2.29 17.54 -13.71
C THR C 81 -1.34 16.94 -12.68
N ALA C 82 -0.17 16.52 -13.15
CA ALA C 82 0.86 15.96 -12.29
C ALA C 82 2.07 16.91 -12.25
N TYR C 83 2.72 16.95 -11.09
CA TYR C 83 3.86 17.83 -10.88
C TYR C 83 4.99 17.05 -10.24
N LEU C 84 6.22 17.30 -10.69
CA LEU C 84 7.42 16.63 -10.17
C LEU C 84 8.41 17.73 -9.79
N GLN C 85 8.30 18.23 -8.56
CA GLN C 85 9.23 19.24 -8.08
C GLN C 85 10.61 18.64 -7.90
N MET C 86 11.62 19.29 -8.48
CA MET C 86 13.00 18.81 -8.46
C MET C 86 13.87 19.79 -7.69
N ASN C 87 14.65 19.27 -6.74
CA ASN C 87 15.57 20.08 -5.96
C ASN C 87 16.89 19.33 -5.83
N SER C 88 17.94 20.09 -5.51
CA SER C 88 19.30 19.55 -5.40
C SER C 88 19.65 18.74 -6.65
N LEU C 89 19.49 19.37 -7.80
CA LEU C 89 19.74 18.68 -9.07
C LEU C 89 21.19 18.22 -9.16
N ARG C 90 21.40 17.19 -9.97
CA ARG C 90 22.73 16.63 -10.21
C ARG C 90 22.93 16.43 -11.70
N ALA C 91 24.20 16.28 -12.10
CA ALA C 91 24.50 16.08 -13.51
C ALA C 91 23.95 14.75 -14.02
N GLU C 92 23.76 13.77 -13.13
CA GLU C 92 23.24 12.48 -13.56
C GLU C 92 21.78 12.56 -13.97
N ASP C 93 21.03 13.56 -13.51
CA ASP C 93 19.62 13.67 -13.85
C ASP C 93 19.39 14.14 -15.27
N THR C 94 20.44 14.40 -16.05
CA THR C 94 20.28 14.81 -17.44
C THR C 94 19.71 13.65 -18.24
N ALA C 95 18.45 13.75 -18.65
CA ALA C 95 17.78 12.68 -19.37
C ALA C 95 16.47 13.22 -19.91
N VAL C 96 15.84 12.42 -20.79
CA VAL C 96 14.57 12.79 -21.41
C VAL C 96 13.48 12.22 -20.50
N TYR C 97 12.94 13.07 -19.63
CA TYR C 97 11.90 12.63 -18.71
C TYR C 97 10.59 12.38 -19.47
N TYR C 98 9.95 11.25 -19.17
CA TYR C 98 8.70 10.86 -19.81
C TYR C 98 7.62 10.71 -18.74
N CYS C 99 6.43 11.22 -19.04
CA CYS C 99 5.29 11.15 -18.14
C CYS C 99 4.28 10.16 -18.71
N ALA C 100 4.09 9.04 -18.03
CA ALA C 100 3.20 7.98 -18.46
C ALA C 100 2.13 7.74 -17.39
N ARG C 101 1.17 6.88 -17.73
CA ARG C 101 0.06 6.55 -16.84
C ARG C 101 0.01 5.05 -16.64
N SER C 102 -0.45 4.64 -15.46
CA SER C 102 -0.63 3.24 -15.10
C SER C 102 -2.02 3.03 -14.54
N ARG C 103 -2.65 1.92 -14.94
CA ARG C 103 -4.00 1.62 -14.48
C ARG C 103 -3.97 1.32 -12.99
N GLN C 104 -4.73 2.09 -12.21
CA GLN C 104 -4.76 1.88 -10.77
C GLN C 104 -5.42 0.56 -10.40
N PHE C 105 -6.41 0.13 -11.18
CA PHE C 105 -7.14 -1.12 -10.94
C PHE C 105 -7.16 -1.92 -12.24
N TRP C 106 -6.10 -2.68 -12.52
CA TRP C 106 -4.89 -2.75 -11.70
C TRP C 106 -3.66 -2.50 -12.57
N TYR C 107 -2.50 -2.36 -11.92
CA TYR C 107 -1.26 -2.05 -12.62
C TYR C 107 -1.04 -3.01 -13.79
N SER C 108 -1.06 -2.48 -15.01
CA SER C 108 -0.75 -3.25 -16.22
C SER C 108 0.17 -2.38 -17.08
N GLY C 109 1.47 -2.48 -16.84
CA GLY C 109 2.44 -1.69 -17.57
C GLY C 109 2.11 -0.21 -17.56
N LEU C 110 2.62 0.52 -18.55
CA LEU C 110 2.35 1.95 -18.73
C LEU C 110 1.76 2.13 -20.12
N ASP C 111 0.43 2.24 -20.19
CA ASP C 111 -0.25 2.28 -21.48
C ASP C 111 0.23 3.44 -22.34
N TYR C 112 0.00 4.66 -21.89
CA TYR C 112 0.30 5.86 -22.66
C TYR C 112 1.56 6.54 -22.13
N TRP C 113 2.41 6.97 -23.05
CA TRP C 113 3.64 7.67 -22.71
C TRP C 113 3.63 9.06 -23.34
N GLY C 114 4.27 10.01 -22.65
CA GLY C 114 4.36 11.36 -23.16
C GLY C 114 5.50 11.52 -24.16
N GLN C 115 5.40 12.58 -24.96
CA GLN C 115 6.41 12.84 -25.98
C GLN C 115 7.79 13.00 -25.35
N GLY C 116 7.87 13.55 -24.15
CA GLY C 116 9.13 13.72 -23.46
C GLY C 116 9.57 15.18 -23.46
N THR C 117 10.32 15.54 -22.41
CA THR C 117 10.83 16.90 -22.25
C THR C 117 12.31 16.80 -21.85
N LEU C 118 13.19 17.13 -22.78
CA LEU C 118 14.63 17.09 -22.51
C LEU C 118 14.98 18.13 -21.47
N VAL C 119 15.51 17.69 -20.32
CA VAL C 119 15.90 18.57 -19.23
C VAL C 119 17.40 18.32 -18.99
N THR C 120 18.24 19.17 -19.57
CA THR C 120 19.68 19.04 -19.41
C THR C 120 20.12 19.69 -18.11
N VAL C 121 21.11 19.08 -17.47
CA VAL C 121 21.64 19.54 -16.18
C VAL C 121 23.15 19.60 -16.31
N SER C 122 23.69 20.80 -16.46
CA SER C 122 25.13 21.01 -16.55
C SER C 122 25.46 22.43 -16.13
N SER C 123 26.65 22.60 -15.56
CA SER C 123 27.08 23.91 -15.10
C SER C 123 27.50 24.83 -16.24
N ALA C 124 27.91 24.26 -17.37
CA ALA C 124 28.34 25.08 -18.50
C ALA C 124 27.18 25.93 -19.02
N SER C 125 27.45 27.21 -19.23
CA SER C 125 26.45 28.15 -19.73
C SER C 125 26.39 28.08 -21.25
N THR C 126 25.47 28.84 -21.83
CA THR C 126 25.31 28.87 -23.28
C THR C 126 26.60 29.33 -23.94
N LYS C 127 26.90 28.74 -25.10
CA LYS C 127 28.11 29.06 -25.86
C LYS C 127 27.79 28.97 -27.34
N GLY C 128 28.70 29.51 -28.15
CA GLY C 128 28.52 29.53 -29.59
C GLY C 128 29.02 28.26 -30.24
N PRO C 129 28.49 27.94 -31.44
CA PRO C 129 28.91 26.71 -32.12
C PRO C 129 30.21 26.89 -32.89
N SER C 130 31.35 26.75 -32.20
CA SER C 130 32.65 26.87 -32.85
C SER C 130 32.82 25.78 -33.89
N VAL C 131 32.86 26.17 -35.17
CA VAL C 131 32.98 25.23 -36.27
C VAL C 131 34.44 25.17 -36.71
N PHE C 132 34.86 23.97 -37.15
CA PHE C 132 36.22 23.75 -37.62
C PHE C 132 36.15 22.84 -38.84
N PRO C 133 36.61 23.28 -40.01
CA PRO C 133 36.60 22.40 -41.18
C PRO C 133 37.49 21.18 -40.98
N LEU C 134 37.27 20.18 -41.82
CA LEU C 134 38.05 18.94 -41.78
C LEU C 134 38.17 18.41 -43.19
N ALA C 135 39.39 18.41 -43.73
CA ALA C 135 39.67 17.94 -45.07
C ALA C 135 40.96 17.14 -45.04
N PRO C 136 41.19 16.30 -46.06
CA PRO C 136 42.42 15.50 -46.12
C PRO C 136 43.69 16.35 -46.04
N ALA C 146 38.84 11.34 -49.55
CA ALA C 146 37.67 11.42 -50.42
C ALA C 146 36.42 11.76 -49.62
N ALA C 147 36.55 12.70 -48.70
CA ALA C 147 35.43 13.11 -47.86
C ALA C 147 35.82 14.37 -47.10
N LEU C 148 34.81 15.14 -46.73
CA LEU C 148 34.99 16.38 -45.97
C LEU C 148 34.04 16.37 -44.78
N GLY C 149 34.37 17.17 -43.77
CA GLY C 149 33.57 17.21 -42.57
C GLY C 149 33.66 18.55 -41.87
N CYS C 150 32.73 18.76 -40.94
CA CYS C 150 32.65 19.98 -40.15
C CYS C 150 32.46 19.59 -38.69
N LEU C 151 33.37 20.02 -37.82
CA LEU C 151 33.36 19.68 -36.41
C LEU C 151 32.90 20.89 -35.61
N VAL C 152 31.78 20.74 -34.90
CA VAL C 152 31.25 21.77 -34.02
C VAL C 152 31.62 21.40 -32.59
N LYS C 153 32.19 22.37 -31.86
CA LYS C 153 32.68 22.13 -30.52
C LYS C 153 32.35 23.33 -29.62
N ASP C 154 32.38 23.09 -28.32
CA ASP C 154 32.18 24.13 -27.31
C ASP C 154 30.81 24.81 -27.47
N TYR C 155 29.77 24.01 -27.28
CA TYR C 155 28.40 24.53 -27.33
C TYR C 155 27.53 23.72 -26.38
N PHE C 156 26.60 24.40 -25.73
CA PHE C 156 25.67 23.78 -24.81
C PHE C 156 24.40 24.62 -24.79
N PRO C 157 23.21 24.02 -24.95
CA PRO C 157 22.94 22.59 -25.15
C PRO C 157 23.38 22.12 -26.54
N GLU C 158 22.89 20.96 -26.99
CA GLU C 158 23.30 20.37 -28.26
C GLU C 158 22.11 20.16 -29.19
N PRO C 159 21.38 21.23 -29.53
CA PRO C 159 20.43 21.17 -30.64
C PRO C 159 21.01 21.50 -32.00
N VAL C 160 22.34 21.51 -32.13
CA VAL C 160 22.98 21.95 -33.36
C VAL C 160 22.48 21.12 -34.53
N THR C 161 22.31 21.77 -35.68
CA THR C 161 21.91 21.12 -36.92
C THR C 161 22.82 21.60 -38.04
N VAL C 162 23.62 20.70 -38.58
CA VAL C 162 24.58 21.02 -39.64
C VAL C 162 23.97 20.67 -40.97
N SER C 163 24.03 21.59 -41.92
CA SER C 163 23.50 21.40 -43.26
C SER C 163 24.58 21.76 -44.28
N TRP C 164 24.81 20.88 -45.25
CA TRP C 164 25.82 21.09 -46.28
C TRP C 164 25.19 21.91 -47.41
N ASN C 165 25.80 23.05 -47.72
CA ASN C 165 25.32 23.92 -48.80
C ASN C 165 23.86 24.30 -48.58
N SER C 166 23.54 24.69 -47.34
CA SER C 166 22.19 25.09 -46.97
C SER C 166 21.20 23.94 -47.20
N GLY C 167 21.65 22.72 -46.95
CA GLY C 167 20.81 21.55 -47.14
C GLY C 167 20.74 21.03 -48.56
N ALA C 168 21.51 21.60 -49.49
CA ALA C 168 21.48 21.13 -50.86
C ALA C 168 22.18 19.78 -51.00
N LEU C 169 23.31 19.60 -50.33
CA LEU C 169 24.07 18.35 -50.38
C LEU C 169 23.59 17.46 -49.24
N THR C 170 22.53 16.70 -49.52
CA THR C 170 21.93 15.79 -48.54
C THR C 170 22.33 14.34 -48.78
N SER C 171 23.20 14.07 -49.74
CA SER C 171 23.64 12.72 -50.05
C SER C 171 24.99 12.46 -49.39
N GLY C 172 25.11 11.29 -48.75
CA GLY C 172 26.33 10.90 -48.07
C GLY C 172 26.59 11.62 -46.76
N VAL C 173 25.67 12.45 -46.30
CA VAL C 173 25.86 13.18 -45.06
C VAL C 173 25.56 12.25 -43.88
N HIS C 174 26.41 12.32 -42.85
CA HIS C 174 26.28 11.49 -41.64
C HIS C 174 26.47 12.40 -40.44
N THR C 175 25.37 12.96 -39.95
CA THR C 175 25.40 13.83 -38.78
C THR C 175 25.45 12.97 -37.52
N PHE C 176 26.57 13.03 -36.80
CA PHE C 176 26.74 12.22 -35.61
C PHE C 176 26.05 12.87 -34.42
N PRO C 177 25.64 12.08 -33.43
CA PRO C 177 24.95 12.65 -32.27
C PRO C 177 25.92 13.38 -31.35
N ALA C 178 25.39 14.36 -30.63
CA ALA C 178 26.20 15.13 -29.70
C ALA C 178 26.68 14.25 -28.56
N VAL C 179 27.96 14.39 -28.21
CA VAL C 179 28.58 13.63 -27.13
C VAL C 179 28.99 14.60 -26.04
N LEU C 180 28.72 14.23 -24.79
CA LEU C 180 29.06 15.07 -23.66
C LEU C 180 30.54 14.92 -23.32
N GLN C 181 31.22 16.05 -23.16
CA GLN C 181 32.64 16.06 -22.83
C GLN C 181 32.84 16.23 -21.33
N SER C 182 34.09 16.01 -20.90
CA SER C 182 34.41 16.15 -19.47
C SER C 182 34.13 17.56 -18.98
N SER C 183 34.36 18.56 -19.84
CA SER C 183 34.11 19.94 -19.45
C SER C 183 32.63 20.27 -19.38
N GLY C 184 31.78 19.44 -19.98
CA GLY C 184 30.35 19.66 -19.97
C GLY C 184 29.79 20.30 -21.24
N LEU C 185 30.59 20.44 -22.28
CA LEU C 185 30.17 21.04 -23.54
C LEU C 185 30.02 19.95 -24.60
N TYR C 186 28.99 20.07 -25.43
CA TYR C 186 28.68 19.07 -26.43
C TYR C 186 29.51 19.30 -27.70
N SER C 187 29.66 18.23 -28.48
CA SER C 187 30.42 18.29 -29.72
C SER C 187 29.90 17.21 -30.67
N LEU C 188 29.86 17.53 -31.95
CA LEU C 188 29.43 16.59 -32.97
C LEU C 188 30.11 16.95 -34.29
N SER C 189 30.26 15.95 -35.14
CA SER C 189 30.90 16.11 -36.45
C SER C 189 29.93 15.69 -37.54
N SER C 190 29.85 16.50 -38.59
CA SER C 190 29.01 16.21 -39.76
C SER C 190 29.95 16.00 -40.95
N VAL C 191 29.98 14.77 -41.46
CA VAL C 191 30.90 14.38 -42.52
C VAL C 191 30.10 13.94 -43.73
N VAL C 192 30.54 14.37 -44.91
CA VAL C 192 29.95 13.97 -46.18
C VAL C 192 31.03 13.30 -47.03
N THR C 193 30.61 12.38 -47.88
CA THR C 193 31.51 11.60 -48.72
C THR C 193 31.38 12.07 -50.17
N VAL C 194 32.52 12.30 -50.81
CA VAL C 194 32.54 12.72 -52.21
C VAL C 194 33.94 12.48 -52.76
N PRO C 195 34.09 11.83 -53.92
CA PRO C 195 35.46 11.63 -54.45
C PRO C 195 36.20 12.93 -54.70
N SER C 196 35.56 13.88 -55.39
CA SER C 196 36.19 15.16 -55.68
C SER C 196 35.88 16.18 -54.60
N THR C 203 34.31 24.13 -52.24
CA THR C 203 33.00 24.33 -52.86
C THR C 203 31.92 23.54 -52.12
N TYR C 204 32.14 23.32 -50.82
CA TYR C 204 31.22 22.59 -49.95
C TYR C 204 30.96 23.45 -48.72
N ILE C 205 29.95 24.32 -48.80
CA ILE C 205 29.62 25.18 -47.67
C ILE C 205 28.99 24.34 -46.57
N CYS C 206 29.30 24.71 -45.32
CA CYS C 206 28.78 24.03 -44.14
C CYS C 206 28.10 25.06 -43.25
N ASN C 207 26.80 24.91 -43.05
CA ASN C 207 26.00 25.83 -42.26
C ASN C 207 25.61 25.18 -40.95
N VAL C 208 26.11 25.72 -39.85
CA VAL C 208 25.80 25.22 -38.50
C VAL C 208 24.87 26.23 -37.84
N ASN C 209 23.66 25.78 -37.50
CA ASN C 209 22.64 26.63 -36.91
C ASN C 209 22.41 26.22 -35.46
N HIS C 210 22.60 27.15 -34.55
CA HIS C 210 22.37 26.95 -33.12
C HIS C 210 21.24 27.86 -32.68
N LYS C 211 20.11 27.27 -32.29
CA LYS C 211 18.93 28.03 -31.91
C LYS C 211 19.09 28.70 -30.55
N PRO C 212 19.62 27.99 -29.54
CA PRO C 212 19.79 28.65 -28.23
C PRO C 212 20.61 29.93 -28.30
N SER C 213 21.70 29.94 -29.05
CA SER C 213 22.53 31.12 -29.20
C SER C 213 22.13 31.99 -30.39
N ASN C 214 21.23 31.51 -31.25
CA ASN C 214 20.78 32.26 -32.42
C ASN C 214 21.97 32.65 -33.31
N THR C 215 22.75 31.63 -33.67
CA THR C 215 23.94 31.82 -34.50
C THR C 215 23.87 30.91 -35.72
N LYS C 216 24.41 31.40 -36.83
CA LYS C 216 24.45 30.66 -38.10
C LYS C 216 25.88 30.79 -38.65
N VAL C 217 26.73 29.84 -38.30
CA VAL C 217 28.13 29.85 -38.72
C VAL C 217 28.24 29.14 -40.06
N ASP C 218 28.77 29.84 -41.06
CA ASP C 218 28.96 29.30 -42.39
C ASP C 218 30.45 29.23 -42.69
N LYS C 219 30.93 28.05 -43.06
CA LYS C 219 32.35 27.84 -43.36
C LYS C 219 32.47 26.96 -44.60
N LYS C 220 33.54 27.20 -45.36
CA LYS C 220 33.83 26.43 -46.56
C LYS C 220 34.96 25.46 -46.26
N VAL C 221 34.68 24.16 -46.42
CA VAL C 221 35.66 23.11 -46.15
C VAL C 221 36.47 22.87 -47.42
N GLU C 222 37.78 22.92 -47.29
CA GLU C 222 38.69 22.70 -48.41
C GLU C 222 39.97 22.08 -47.88
N PRO C 223 40.77 21.45 -48.75
CA PRO C 223 42.04 20.84 -48.31
C PRO C 223 42.96 21.83 -47.61
N SER D 1 16.07 -5.67 -1.83
CA SER D 1 16.80 -4.57 -2.54
C SER D 1 16.23 -4.38 -3.95
N ASP D 2 16.92 -3.57 -4.75
CA ASP D 2 16.47 -3.32 -6.12
C ASP D 2 16.61 -4.57 -6.96
N ILE D 3 15.53 -4.95 -7.64
CA ILE D 3 15.51 -6.15 -8.48
C ILE D 3 15.92 -5.70 -9.88
N GLN D 4 17.22 -5.75 -10.15
CA GLN D 4 17.72 -5.37 -11.47
C GLN D 4 17.34 -6.42 -12.50
N MET D 5 16.85 -5.94 -13.65
CA MET D 5 16.42 -6.82 -14.73
C MET D 5 17.52 -6.88 -15.79
N THR D 6 18.14 -8.04 -15.93
CA THR D 6 19.19 -8.25 -16.91
C THR D 6 18.55 -8.66 -18.23
N GLN D 7 18.61 -7.76 -19.22
CA GLN D 7 18.02 -8.00 -20.53
C GLN D 7 19.13 -8.30 -21.53
N SER D 8 18.83 -9.21 -22.47
CA SER D 8 19.79 -9.61 -23.48
C SER D 8 19.01 -10.02 -24.73
N PRO D 9 19.62 -9.92 -25.92
CA PRO D 9 20.99 -9.44 -26.15
C PRO D 9 21.10 -7.92 -26.09
N SER D 10 22.29 -7.41 -25.80
CA SER D 10 22.49 -5.96 -25.77
C SER D 10 22.22 -5.35 -27.13
N SER D 11 22.56 -6.06 -28.21
CA SER D 11 22.31 -5.58 -29.56
C SER D 11 22.00 -6.79 -30.43
N LEU D 12 20.77 -6.90 -30.90
CA LEU D 12 20.32 -8.03 -31.70
C LEU D 12 20.26 -7.63 -33.17
N SER D 13 20.80 -8.48 -34.02
CA SER D 13 20.80 -8.27 -35.46
C SER D 13 19.78 -9.20 -36.12
N ALA D 14 18.90 -8.64 -36.93
CA ALA D 14 17.87 -9.41 -37.60
C ALA D 14 17.50 -8.74 -38.91
N SER D 15 16.73 -9.46 -39.73
CA SER D 15 16.26 -8.98 -41.01
C SER D 15 14.74 -8.96 -41.04
N VAL D 16 14.19 -8.30 -42.07
CA VAL D 16 12.74 -8.23 -42.19
C VAL D 16 12.19 -9.62 -42.45
N GLY D 17 10.98 -9.87 -41.93
CA GLY D 17 10.35 -11.17 -42.10
C GLY D 17 11.11 -12.29 -41.42
N ASP D 18 11.71 -12.01 -40.27
CA ASP D 18 12.47 -13.00 -39.52
C ASP D 18 11.96 -13.07 -38.10
N ARG D 19 12.30 -14.15 -37.41
CA ARG D 19 11.88 -14.38 -36.03
C ARG D 19 12.99 -13.94 -35.08
N VAL D 20 12.65 -13.13 -34.09
CA VAL D 20 13.59 -12.63 -33.11
C VAL D 20 13.08 -12.98 -31.72
N THR D 21 13.98 -12.98 -30.75
CA THR D 21 13.65 -13.31 -29.37
C THR D 21 14.52 -12.46 -28.44
N ILE D 22 13.86 -11.82 -27.47
CA ILE D 22 14.54 -10.97 -26.49
C ILE D 22 14.28 -11.58 -25.12
N THR D 23 15.36 -11.85 -24.38
CA THR D 23 15.27 -12.44 -23.05
C THR D 23 15.47 -11.37 -21.99
N CYS D 24 14.82 -11.57 -20.84
CA CYS D 24 14.93 -10.64 -19.73
C CYS D 24 14.81 -11.46 -18.44
N ARG D 25 15.90 -11.54 -17.68
CA ARG D 25 15.95 -12.30 -16.44
C ARG D 25 15.90 -11.35 -15.26
N ALA D 26 15.06 -11.67 -14.28
CA ALA D 26 14.91 -10.87 -13.08
C ALA D 26 15.84 -11.40 -11.99
N SER D 27 16.42 -10.47 -11.22
CA SER D 27 17.32 -10.88 -10.14
C SER D 27 16.58 -11.72 -9.10
N GLN D 28 15.32 -11.39 -8.83
CA GLN D 28 14.51 -12.11 -7.87
C GLN D 28 13.34 -12.79 -8.58
N SER D 29 12.61 -13.62 -7.84
CA SER D 29 11.50 -14.39 -8.39
C SER D 29 10.30 -13.47 -8.56
N VAL D 30 10.35 -12.65 -9.62
CA VAL D 30 9.25 -11.75 -9.93
C VAL D 30 8.08 -12.56 -10.50
N SER D 31 6.87 -12.08 -10.23
CA SER D 31 5.67 -12.76 -10.71
C SER D 31 5.43 -12.43 -12.19
N SER D 32 4.26 -12.79 -12.70
CA SER D 32 3.95 -12.52 -14.10
C SER D 32 3.88 -11.03 -14.42
N ALA D 33 3.91 -10.16 -13.40
CA ALA D 33 3.83 -8.71 -13.60
C ALA D 33 5.15 -8.21 -14.17
N VAL D 34 5.37 -8.46 -15.46
CA VAL D 34 6.55 -7.98 -16.16
C VAL D 34 6.15 -7.49 -17.54
N ALA D 35 6.06 -6.18 -17.72
CA ALA D 35 5.65 -5.61 -18.99
C ALA D 35 6.83 -5.53 -19.95
N TRP D 36 6.51 -5.26 -21.21
CA TRP D 36 7.51 -5.13 -22.27
C TRP D 36 7.14 -3.92 -23.12
N TYR D 37 8.09 -3.01 -23.32
CA TYR D 37 7.86 -1.77 -24.03
C TYR D 37 8.76 -1.69 -25.26
N GLN D 38 8.33 -0.85 -26.21
CA GLN D 38 9.10 -0.58 -27.43
C GLN D 38 9.46 0.89 -27.46
N GLN D 39 10.76 1.18 -27.52
CA GLN D 39 11.26 2.55 -27.51
C GLN D 39 11.98 2.81 -28.83
N LYS D 40 11.39 3.70 -29.65
CA LYS D 40 12.00 4.07 -30.92
C LYS D 40 12.90 5.29 -30.73
N PRO D 41 13.92 5.46 -31.58
CA PRO D 41 14.81 6.62 -31.44
C PRO D 41 14.04 7.92 -31.62
N GLY D 42 14.04 8.73 -30.56
CA GLY D 42 13.33 10.00 -30.57
C GLY D 42 11.92 9.93 -30.05
N LYS D 43 11.12 9.00 -30.58
CA LYS D 43 9.75 8.84 -30.14
C LYS D 43 9.70 8.31 -28.71
N ALA D 44 8.50 8.31 -28.14
CA ALA D 44 8.30 7.85 -26.77
C ALA D 44 8.10 6.34 -26.75
N PRO D 45 8.29 5.71 -25.59
CA PRO D 45 8.08 4.26 -25.49
C PRO D 45 6.64 3.88 -25.78
N LYS D 46 6.45 2.61 -26.10
CA LYS D 46 5.13 2.05 -26.39
C LYS D 46 4.98 0.71 -25.67
N LEU D 47 3.91 0.58 -24.90
CA LEU D 47 3.65 -0.65 -24.15
C LEU D 47 3.20 -1.74 -25.12
N LEU D 48 4.11 -2.68 -25.41
CA LEU D 48 3.79 -3.78 -26.31
C LEU D 48 2.96 -4.85 -25.62
N ILE D 49 3.47 -5.39 -24.52
CA ILE D 49 2.82 -6.49 -23.80
C ILE D 49 2.75 -6.12 -22.33
N TYR D 50 1.63 -6.47 -21.69
CA TYR D 50 1.44 -6.29 -20.27
C TYR D 50 1.17 -7.63 -19.62
N SER D 51 1.61 -7.77 -18.36
CA SER D 51 1.54 -9.00 -17.60
C SER D 51 2.42 -10.10 -18.17
N ALA D 52 3.25 -9.80 -19.17
CA ALA D 52 4.20 -10.74 -19.75
C ALA D 52 3.51 -11.79 -20.62
N SER D 53 2.18 -11.79 -20.65
CA SER D 53 1.44 -12.75 -21.44
C SER D 53 0.23 -12.15 -22.17
N SER D 54 -0.05 -10.86 -21.98
CA SER D 54 -1.23 -10.23 -22.57
C SER D 54 -0.78 -9.03 -23.40
N LEU D 55 -1.05 -9.08 -24.71
CA LEU D 55 -0.68 -7.98 -25.59
C LEU D 55 -1.58 -6.78 -25.33
N TYR D 56 -0.97 -5.59 -25.31
CA TYR D 56 -1.72 -4.37 -25.09
C TYR D 56 -2.64 -4.10 -26.29
N SER D 57 -3.84 -3.58 -26.00
CA SER D 57 -4.80 -3.29 -27.05
C SER D 57 -4.24 -2.25 -28.02
N GLY D 58 -4.25 -2.59 -29.31
CA GLY D 58 -3.78 -1.70 -30.34
C GLY D 58 -2.39 -1.99 -30.88
N VAL D 59 -1.74 -3.04 -30.38
CA VAL D 59 -0.39 -3.41 -30.84
C VAL D 59 -0.51 -4.57 -31.82
N PRO D 60 0.47 -4.78 -32.69
CA PRO D 60 0.39 -5.91 -33.62
C PRO D 60 0.31 -7.24 -32.88
N SER D 61 -0.27 -8.23 -33.55
CA SER D 61 -0.43 -9.56 -32.96
C SER D 61 0.84 -10.40 -33.05
N ARG D 62 1.78 -10.02 -33.92
CA ARG D 62 3.01 -10.79 -34.07
C ARG D 62 3.75 -10.90 -32.74
N PHE D 63 3.71 -9.87 -31.92
CA PHE D 63 4.38 -9.90 -30.63
C PHE D 63 3.76 -10.96 -29.73
N SER D 64 4.58 -11.53 -28.86
CA SER D 64 4.12 -12.56 -27.94
C SER D 64 5.04 -12.58 -26.72
N GLY D 65 4.47 -12.95 -25.59
CA GLY D 65 5.21 -13.05 -24.34
C GLY D 65 5.07 -14.43 -23.74
N SER D 66 6.17 -14.95 -23.20
CA SER D 66 6.20 -16.28 -22.60
C SER D 66 7.10 -16.25 -21.38
N ARG D 67 6.60 -16.79 -20.27
CA ARG D 67 7.36 -16.84 -19.01
C ARG D 67 7.90 -18.25 -18.81
N SER D 68 9.15 -18.33 -18.37
CA SER D 68 9.82 -19.60 -18.09
C SER D 68 10.39 -19.57 -16.68
N GLY D 69 9.56 -19.13 -15.73
CA GLY D 69 9.99 -18.94 -14.36
C GLY D 69 10.40 -17.51 -14.09
N THR D 70 11.71 -17.25 -14.12
CA THR D 70 12.23 -15.90 -13.94
C THR D 70 12.80 -15.29 -15.21
N ASP D 71 12.94 -16.06 -16.29
CA ASP D 71 13.49 -15.56 -17.55
C ASP D 71 12.34 -15.28 -18.51
N PHE D 72 11.85 -14.04 -18.47
CA PHE D 72 10.78 -13.64 -19.36
C PHE D 72 11.31 -13.47 -20.78
N THR D 73 10.43 -13.69 -21.75
CA THR D 73 10.83 -13.72 -23.16
C THR D 73 9.79 -13.01 -24.00
N LEU D 74 10.26 -12.13 -24.89
CA LEU D 74 9.42 -11.45 -25.87
C LEU D 74 9.82 -11.93 -27.26
N THR D 75 8.90 -12.58 -27.95
CA THR D 75 9.17 -13.18 -29.26
C THR D 75 8.34 -12.48 -30.32
N ILE D 76 8.96 -12.21 -31.46
CA ILE D 76 8.30 -11.61 -32.62
C ILE D 76 8.40 -12.61 -33.77
N SER D 77 7.25 -13.09 -34.25
CA SER D 77 7.25 -14.08 -35.31
C SER D 77 7.84 -13.51 -36.59
N SER D 78 7.32 -12.37 -37.05
CA SER D 78 7.78 -11.71 -38.27
C SER D 78 7.85 -10.22 -38.01
N LEU D 79 9.07 -9.70 -37.84
CA LEU D 79 9.28 -8.30 -37.53
C LEU D 79 9.28 -7.48 -38.82
N GLN D 80 8.52 -6.40 -38.83
CA GLN D 80 8.44 -5.50 -39.97
C GLN D 80 9.44 -4.36 -39.80
N PRO D 81 9.63 -3.55 -40.86
CA PRO D 81 10.58 -2.43 -40.73
C PRO D 81 10.27 -1.52 -39.56
N GLU D 82 9.01 -1.40 -39.16
CA GLU D 82 8.66 -0.56 -38.03
C GLU D 82 9.06 -1.17 -36.69
N ASP D 83 9.30 -2.48 -36.66
CA ASP D 83 9.66 -3.18 -35.44
C ASP D 83 11.13 -3.04 -35.07
N PHE D 84 11.89 -2.22 -35.80
CA PHE D 84 13.30 -2.02 -35.52
C PHE D 84 13.43 -0.88 -34.50
N ALA D 85 13.46 -1.24 -33.22
CA ALA D 85 13.54 -0.27 -32.15
C ALA D 85 14.03 -0.98 -30.90
N THR D 86 14.27 -0.20 -29.84
CA THR D 86 14.75 -0.74 -28.58
C THR D 86 13.59 -1.37 -27.81
N TYR D 87 13.92 -2.39 -27.01
CA TYR D 87 12.94 -3.10 -26.19
C TYR D 87 13.40 -3.07 -24.74
N TYR D 88 12.46 -2.83 -23.83
CA TYR D 88 12.74 -2.75 -22.41
C TYR D 88 11.75 -3.62 -21.63
N CYS D 89 12.21 -4.14 -20.50
CA CYS D 89 11.40 -4.97 -19.62
C CYS D 89 11.43 -4.37 -18.22
N GLN D 90 10.25 -4.12 -17.65
CA GLN D 90 10.13 -3.56 -16.32
C GLN D 90 9.34 -4.51 -15.43
N GLN D 91 9.65 -4.50 -14.14
CA GLN D 91 8.99 -5.37 -13.16
C GLN D 91 8.17 -4.49 -12.23
N TYR D 92 6.90 -4.29 -12.59
CA TYR D 92 6.00 -3.49 -11.77
C TYR D 92 5.39 -4.27 -10.62
N LYS D 93 5.94 -5.44 -10.30
CA LYS D 93 5.44 -6.20 -9.15
C LYS D 93 5.87 -5.56 -7.84
N TYR D 94 7.17 -5.29 -7.70
CA TYR D 94 7.74 -4.67 -6.51
C TYR D 94 8.28 -3.29 -6.85
N VAL D 95 8.05 -2.34 -5.97
CA VAL D 95 8.55 -0.97 -6.14
C VAL D 95 9.88 -0.87 -5.41
N PRO D 96 10.85 -0.08 -5.91
CA PRO D 96 10.76 0.74 -7.12
C PRO D 96 10.92 -0.08 -8.40
N VAL D 97 10.02 0.13 -9.37
CA VAL D 97 10.10 -0.59 -10.62
C VAL D 97 11.42 -0.28 -11.30
N THR D 98 12.05 -1.32 -11.86
CA THR D 98 13.35 -1.20 -12.51
C THR D 98 13.20 -1.62 -13.98
N PHE D 99 13.60 -0.74 -14.88
CA PHE D 99 13.52 -1.02 -16.30
C PHE D 99 14.72 -1.83 -16.76
N GLY D 100 14.65 -2.31 -18.00
CA GLY D 100 15.75 -3.06 -18.57
C GLY D 100 16.84 -2.18 -19.14
N GLN D 101 17.97 -2.82 -19.47
CA GLN D 101 19.09 -2.07 -20.03
C GLN D 101 18.83 -1.65 -21.47
N GLY D 102 17.97 -2.36 -22.17
CA GLY D 102 17.64 -2.04 -23.55
C GLY D 102 18.26 -3.03 -24.52
N THR D 103 17.57 -3.26 -25.63
CA THR D 103 18.03 -4.17 -26.68
C THR D 103 17.74 -3.51 -28.02
N LYS D 104 18.73 -2.80 -28.55
CA LYS D 104 18.59 -2.12 -29.84
C LYS D 104 18.57 -3.15 -30.96
N VAL D 105 17.52 -3.11 -31.78
CA VAL D 105 17.37 -4.01 -32.91
C VAL D 105 17.50 -3.19 -34.19
N GLU D 106 18.40 -3.61 -35.07
CA GLU D 106 18.67 -2.91 -36.32
C GLU D 106 18.55 -3.89 -37.47
N ILE D 107 18.60 -3.34 -38.69
CA ILE D 107 18.50 -4.17 -39.89
C ILE D 107 19.80 -4.92 -40.11
N LYS D 108 19.69 -6.18 -40.50
CA LYS D 108 20.84 -7.04 -40.76
C LYS D 108 21.13 -7.05 -42.25
N ARG D 109 22.39 -6.80 -42.61
CA ARG D 109 22.82 -6.79 -44.00
C ARG D 109 24.16 -7.50 -44.11
N THR D 110 24.59 -7.73 -45.35
CA THR D 110 25.86 -8.40 -45.59
C THR D 110 27.00 -7.55 -45.03
N VAL D 111 28.00 -8.23 -44.46
CA VAL D 111 29.14 -7.53 -43.88
C VAL D 111 29.88 -6.79 -44.98
N ALA D 112 30.21 -5.52 -44.71
CA ALA D 112 30.92 -4.68 -45.65
C ALA D 112 32.18 -4.13 -45.00
N ALA D 113 33.22 -3.92 -45.80
CA ALA D 113 34.48 -3.41 -45.28
C ALA D 113 34.29 -1.98 -44.78
N PRO D 114 34.95 -1.60 -43.68
CA PRO D 114 34.78 -0.24 -43.16
C PRO D 114 35.65 0.76 -43.90
N SER D 115 35.05 1.92 -44.21
CA SER D 115 35.77 3.02 -44.85
C SER D 115 36.39 3.89 -43.77
N VAL D 116 37.67 3.69 -43.50
CA VAL D 116 38.38 4.38 -42.44
C VAL D 116 39.04 5.62 -43.02
N PHE D 117 38.98 6.73 -42.29
CA PHE D 117 39.59 7.99 -42.71
C PHE D 117 40.09 8.72 -41.47
N ILE D 118 41.03 9.64 -41.70
CA ILE D 118 41.63 10.43 -40.64
C ILE D 118 41.62 11.89 -41.06
N PHE D 119 41.35 12.78 -40.10
CA PHE D 119 41.30 14.22 -40.36
C PHE D 119 42.01 14.93 -39.21
N PRO D 120 43.12 15.63 -39.46
CA PRO D 120 43.81 16.32 -38.37
C PRO D 120 43.10 17.62 -38.02
N PRO D 121 43.57 18.34 -36.99
CA PRO D 121 42.92 19.60 -36.62
C PRO D 121 43.33 20.71 -37.58
N SER D 122 42.33 21.48 -38.03
CA SER D 122 42.59 22.57 -38.95
C SER D 122 43.41 23.67 -38.24
N ASP D 123 43.89 24.63 -39.05
CA ASP D 123 44.67 25.72 -38.49
C ASP D 123 43.88 26.48 -37.43
N SER D 124 42.55 26.56 -37.61
CA SER D 124 41.72 27.26 -36.63
C SER D 124 41.75 26.55 -35.28
N GLN D 125 41.68 25.22 -35.29
CA GLN D 125 41.73 24.47 -34.04
C GLN D 125 43.06 24.63 -33.34
N LEU D 126 44.16 24.65 -34.10
CA LEU D 126 45.47 24.83 -33.50
C LEU D 126 45.60 26.19 -32.84
N LYS D 127 45.03 27.22 -33.46
CA LYS D 127 45.11 28.56 -32.88
C LYS D 127 44.20 28.70 -31.68
N SER D 128 43.08 27.98 -31.65
CA SER D 128 42.16 28.07 -30.53
C SER D 128 42.82 27.63 -29.23
N GLY D 129 43.77 26.71 -29.31
CA GLY D 129 44.48 26.20 -28.15
C GLY D 129 44.11 24.79 -27.76
N THR D 130 43.00 24.26 -28.28
CA THR D 130 42.52 22.92 -27.97
C THR D 130 42.37 22.17 -29.30
N ALA D 131 43.44 21.52 -29.74
CA ALA D 131 43.40 20.75 -30.98
C ALA D 131 42.82 19.36 -30.72
N SER D 132 42.24 18.78 -31.75
CA SER D 132 41.61 17.47 -31.65
C SER D 132 41.66 16.76 -32.99
N VAL D 133 42.10 15.51 -32.98
CA VAL D 133 42.12 14.67 -34.17
C VAL D 133 40.89 13.78 -34.14
N VAL D 134 40.44 13.36 -35.32
CA VAL D 134 39.24 12.54 -35.44
C VAL D 134 39.48 11.45 -36.48
N CYS D 135 38.88 10.29 -36.25
CA CYS D 135 38.89 9.18 -37.17
C CYS D 135 37.46 8.78 -37.50
N LEU D 136 37.19 8.56 -38.78
CA LEU D 136 35.84 8.29 -39.26
C LEU D 136 35.77 6.89 -39.84
N LEU D 137 34.73 6.15 -39.46
CA LEU D 137 34.44 4.82 -40.00
C LEU D 137 33.07 4.87 -40.66
N ASN D 138 33.05 4.86 -41.99
CA ASN D 138 31.83 4.98 -42.76
C ASN D 138 31.52 3.66 -43.48
N ASN D 139 30.23 3.35 -43.59
CA ASN D 139 29.76 2.17 -44.29
C ASN D 139 30.39 0.90 -43.72
N PHE D 140 30.09 0.64 -42.45
CA PHE D 140 30.57 -0.53 -41.75
C PHE D 140 29.43 -1.17 -40.97
N TYR D 141 29.43 -2.50 -40.92
CA TYR D 141 28.42 -3.26 -40.22
C TYR D 141 29.06 -4.56 -39.73
N PRO D 142 28.79 -4.99 -38.49
CA PRO D 142 27.91 -4.37 -37.49
C PRO D 142 28.56 -3.18 -36.78
N ARG D 143 27.82 -2.58 -35.85
CA ARG D 143 28.34 -1.43 -35.11
C ARG D 143 29.53 -1.79 -34.23
N GLU D 144 29.75 -3.08 -33.96
CA GLU D 144 30.84 -3.52 -33.08
C GLU D 144 32.15 -3.40 -33.84
N ALA D 145 32.66 -2.16 -33.88
CA ALA D 145 33.93 -1.86 -34.52
C ALA D 145 34.80 -1.08 -33.54
N LYS D 146 35.93 -1.67 -33.15
CA LYS D 146 36.83 -1.05 -32.18
C LYS D 146 37.85 -0.17 -32.91
N VAL D 147 38.15 0.97 -32.29
CA VAL D 147 39.10 1.93 -32.83
C VAL D 147 40.17 2.18 -31.78
N GLN D 148 41.44 2.20 -32.20
CA GLN D 148 42.58 2.42 -31.32
C GLN D 148 43.36 3.63 -31.81
N TRP D 149 43.81 4.45 -30.86
CA TRP D 149 44.55 5.65 -31.17
C TRP D 149 46.04 5.42 -31.01
N LYS D 150 46.83 6.13 -31.83
CA LYS D 150 48.29 6.03 -31.79
C LYS D 150 48.85 7.41 -32.12
N VAL D 151 49.16 8.18 -31.08
CA VAL D 151 49.74 9.52 -31.29
C VAL D 151 51.22 9.39 -31.65
N ASP D 152 51.92 8.47 -31.01
CA ASP D 152 53.33 8.20 -31.30
C ASP D 152 53.55 6.69 -31.36
N ASN D 153 52.66 5.99 -32.08
CA ASN D 153 52.70 4.53 -32.17
C ASN D 153 52.53 3.90 -30.79
N ALA D 154 51.72 4.54 -29.95
CA ALA D 154 51.46 4.06 -28.60
C ALA D 154 49.96 4.11 -28.34
N LEU D 155 49.41 3.00 -27.85
CA LEU D 155 47.97 2.91 -27.61
C LEU D 155 47.55 3.96 -26.58
N GLN D 156 46.56 4.76 -26.95
CA GLN D 156 46.00 5.79 -26.08
C GLN D 156 44.65 5.31 -25.54
N SER D 157 44.42 5.54 -24.25
CA SER D 157 43.19 5.13 -23.59
C SER D 157 42.64 6.23 -22.70
N GLY D 158 42.73 7.49 -23.15
CA GLY D 158 42.23 8.61 -22.37
C GLY D 158 41.82 9.75 -23.27
N ASN D 159 41.05 10.66 -22.67
CA ASN D 159 40.56 11.87 -23.35
C ASN D 159 40.18 11.58 -24.79
N SER D 160 39.39 10.53 -24.98
CA SER D 160 38.90 10.12 -26.30
C SER D 160 37.40 9.87 -26.21
N GLN D 161 36.64 10.51 -27.09
CA GLN D 161 35.19 10.40 -27.14
C GLN D 161 34.79 9.65 -28.39
N GLU D 162 33.84 8.72 -28.23
CA GLU D 162 33.34 7.90 -29.33
C GLU D 162 31.85 8.19 -29.53
N SER D 163 31.46 8.38 -30.79
CA SER D 163 30.08 8.68 -31.15
C SER D 163 29.64 7.72 -32.25
N VAL D 164 28.46 7.12 -32.06
CA VAL D 164 27.90 6.17 -33.01
C VAL D 164 26.65 6.78 -33.62
N THR D 165 26.49 6.61 -34.93
CA THR D 165 25.34 7.14 -35.65
C THR D 165 24.28 6.06 -35.80
N GLU D 166 23.01 6.47 -35.70
CA GLU D 166 21.91 5.53 -35.85
C GLU D 166 21.92 4.94 -37.26
N GLN D 167 21.57 3.66 -37.35
CA GLN D 167 21.55 2.97 -38.64
C GLN D 167 20.65 3.70 -39.62
N ASP D 168 21.24 4.23 -40.69
CA ASP D 168 20.47 4.94 -41.69
C ASP D 168 19.55 3.99 -42.44
N SER D 169 18.36 4.48 -42.79
CA SER D 169 17.39 3.67 -43.51
C SER D 169 17.74 3.48 -44.98
N LYS D 170 18.72 4.21 -45.50
CA LYS D 170 19.08 4.09 -46.92
C LYS D 170 19.89 2.82 -47.17
N ASP D 171 21.04 2.71 -46.53
CA ASP D 171 21.95 1.58 -46.73
C ASP D 171 22.00 0.65 -45.54
N SER D 172 21.32 0.98 -44.43
CA SER D 172 21.32 0.16 -43.23
C SER D 172 22.73 -0.04 -42.69
N THR D 173 23.59 0.96 -42.86
CA THR D 173 24.96 0.92 -42.39
C THR D 173 25.16 1.89 -41.23
N TYR D 174 26.18 1.61 -40.43
CA TYR D 174 26.51 2.43 -39.27
C TYR D 174 27.66 3.39 -39.61
N SER D 175 27.85 4.36 -38.73
CA SER D 175 28.93 5.33 -38.85
C SER D 175 29.47 5.65 -37.47
N LEU D 176 30.80 5.71 -37.36
CA LEU D 176 31.47 5.92 -36.08
C LEU D 176 32.49 7.04 -36.23
N SER D 177 32.61 7.86 -35.18
CA SER D 177 33.57 8.95 -35.14
C SER D 177 34.23 8.96 -33.77
N SER D 178 35.55 8.82 -33.75
CA SER D 178 36.34 8.85 -32.52
C SER D 178 37.19 10.11 -32.53
N THR D 179 36.96 10.99 -31.55
CA THR D 179 37.65 12.27 -31.47
C THR D 179 38.59 12.26 -30.27
N LEU D 180 39.86 12.49 -30.52
CA LEU D 180 40.88 12.59 -29.47
C LEU D 180 41.28 14.06 -29.34
N THR D 181 40.99 14.64 -28.18
CA THR D 181 41.30 16.04 -27.91
C THR D 181 42.58 16.13 -27.09
N LEU D 182 43.50 16.98 -27.53
CA LEU D 182 44.77 17.18 -26.85
C LEU D 182 45.08 18.67 -26.77
N SER D 183 45.99 19.02 -25.88
CA SER D 183 46.40 20.41 -25.72
C SER D 183 47.34 20.82 -26.85
N LYS D 184 47.53 22.14 -26.99
CA LYS D 184 48.41 22.65 -28.03
C LYS D 184 49.86 22.22 -27.80
N ALA D 185 50.25 22.03 -26.54
CA ALA D 185 51.62 21.61 -26.25
C ALA D 185 51.80 20.11 -26.50
N ASP D 186 50.92 19.29 -25.94
CA ASP D 186 51.03 17.84 -26.14
C ASP D 186 50.81 17.45 -27.59
N TYR D 187 50.02 18.23 -28.33
CA TYR D 187 49.77 17.90 -29.73
C TYR D 187 51.05 17.95 -30.55
N GLU D 188 51.88 18.97 -30.32
CA GLU D 188 53.12 19.10 -31.08
C GLU D 188 54.17 18.07 -30.66
N LYS D 189 54.05 17.49 -29.46
CA LYS D 189 55.02 16.50 -29.02
C LYS D 189 54.96 15.25 -29.89
N HIS D 190 53.77 14.89 -30.38
CA HIS D 190 53.58 13.70 -31.20
C HIS D 190 53.64 14.08 -32.67
N LYS D 191 54.26 13.21 -33.48
CA LYS D 191 54.49 13.49 -34.89
C LYS D 191 53.40 12.92 -35.78
N VAL D 192 53.20 11.60 -35.74
CA VAL D 192 52.29 10.91 -36.65
C VAL D 192 51.13 10.35 -35.83
N TYR D 193 49.91 10.79 -36.15
CA TYR D 193 48.70 10.27 -35.53
C TYR D 193 48.06 9.25 -36.44
N ALA D 194 47.71 8.09 -35.88
CA ALA D 194 47.15 6.99 -36.63
C ALA D 194 45.91 6.43 -35.93
N CYS D 195 45.00 5.89 -36.72
CA CYS D 195 43.79 5.23 -36.22
C CYS D 195 43.76 3.80 -36.72
N GLU D 196 43.66 2.85 -35.79
CA GLU D 196 43.61 1.44 -36.10
C GLU D 196 42.18 0.94 -35.90
N VAL D 197 41.57 0.45 -36.96
CA VAL D 197 40.20 -0.05 -36.93
C VAL D 197 40.21 -1.57 -36.96
N THR D 198 39.53 -2.19 -36.00
CA THR D 198 39.38 -3.63 -35.93
C THR D 198 37.91 -3.97 -36.09
N HIS D 199 37.56 -4.54 -37.23
CA HIS D 199 36.16 -4.82 -37.56
C HIS D 199 36.11 -5.82 -38.70
N GLN D 200 35.05 -6.61 -38.73
CA GLN D 200 34.86 -7.62 -39.76
C GLN D 200 34.89 -6.98 -41.15
N SER D 204 40.88 -8.30 -41.34
CA SER D 204 42.07 -7.86 -40.62
C SER D 204 41.99 -6.37 -40.31
N PRO D 205 42.68 -5.94 -39.25
CA PRO D 205 42.64 -4.52 -38.90
C PRO D 205 43.43 -3.66 -39.87
N VAL D 206 42.93 -2.45 -40.10
CA VAL D 206 43.54 -1.49 -41.01
C VAL D 206 43.99 -0.29 -40.20
N THR D 207 45.21 0.17 -40.44
CA THR D 207 45.79 1.31 -39.74
C THR D 207 46.13 2.39 -40.75
N LYS D 208 45.59 3.59 -40.52
CA LYS D 208 45.85 4.75 -41.37
C LYS D 208 46.52 5.83 -40.53
N SER D 209 47.65 6.33 -41.01
CA SER D 209 48.43 7.33 -40.31
C SER D 209 48.61 8.57 -41.17
N PHE D 210 48.77 9.72 -40.51
CA PHE D 210 48.99 10.99 -41.18
C PHE D 210 49.91 11.84 -40.33
N ASN D 211 51.03 12.25 -40.90
CA ASN D 211 52.00 13.06 -40.17
C ASN D 211 51.47 14.46 -39.94
N ARG D 212 51.94 15.09 -38.87
CA ARG D 212 51.51 16.46 -38.57
C ARG D 212 51.95 17.43 -39.67
N GLY D 213 53.17 17.27 -40.18
CA GLY D 213 53.67 18.13 -41.23
C GLY D 213 53.46 17.55 -42.61
N GLU D 214 52.70 18.26 -43.44
CA GLU D 214 52.42 17.80 -44.79
C GLU D 214 53.47 18.32 -45.77
C1 H98 E . -7.80 3.26 53.65
C2 H98 E . -8.54 1.94 53.91
C3 H98 E . -7.61 1.04 54.78
C4 H98 E . -8.05 0.91 56.22
C5 H98 E . -7.34 1.49 57.27
C6 H98 E . -7.75 1.35 58.60
C7 H98 E . -8.91 0.63 58.87
C8 H98 E . -9.65 0.06 57.84
C9 H98 E . -9.21 0.20 56.53
O1 H98 E . -9.34 0.50 60.17
C10 H98 E . -10.62 1.04 60.43
N1 H98 E . -8.91 1.37 52.57
C11 H98 E . -10.15 1.95 51.97
C12 H98 E . -10.53 1.34 50.57
C13 H98 E . -11.64 2.12 49.87
C14 H98 E . -12.45 3.02 50.56
C15 H98 E . -13.46 3.73 49.90
C16 H98 E . -13.66 3.53 48.52
C17 H98 E . -12.86 2.62 47.82
C18 H98 E . -11.86 1.93 48.50
O2 H98 E . -14.66 4.24 47.93
N2 H98 E . -14.29 4.65 50.59
C19 H98 E . -15.30 4.25 51.47
O3 H98 E . -16.00 5.05 52.05
O4 H98 E . -9.40 1.48 49.76
#